data_7NMF
#
_entry.id   7NMF
#
_cell.length_a   63.380
_cell.length_b   72.250
_cell.length_c   114.840
_cell.angle_alpha   90.000
_cell.angle_beta   102.980
_cell.angle_gamma   90.000
#
_symmetry.space_group_name_H-M   'P 1 21 1'
#
loop_
_entity.id
_entity.type
_entity.pdbx_description
1 polymer 'MHC class I antigen'
2 polymer 'Human MHC Class I, beta 2 microglobulin'
3 polymer GLN-LEU-PRO-ARG-LEU-PHE-PRO-LEU-LEU
4 polymer 'Human T-cell Receptor 4C6, alpha Chain'
5 polymer 'Human T-cell Receptor 4C6, beta Chain'
6 non-polymer '2-(N-MORPHOLINO)-ETHANESULFONIC ACID'
7 non-polymer 1,2-ETHANEDIOL
8 non-polymer 'SULFATE ION'
9 water water
#
loop_
_entity_poly.entity_id
_entity_poly.type
_entity_poly.pdbx_seq_one_letter_code
_entity_poly.pdbx_strand_id
1 'polypeptide(L)'
;GSHSMRYFSTSVSRPGRGEPRFIAVGYVDDTQFVRFDSDAASQRMEPRAPWIEQEGPEYWDEETGKVKAHSQTDRENLRI
ALRYYNQSEAGSHTLQMMFGCDVGSDGRFLRGYHQYAYDGKDYIALKEDLRSWTAADMAAQITKRKWEAAHVAEQQRAYL
EGTCVDGLRRYLENGKETLQRTDPPKTHMTHHPISDHEATLRCWALGFYPAEITLTWQRDGEDQTQDTELVETRPAGDGT
FQKWAAVVVPSGEEQRYTCHVQHEGLPKPLTLRWEP
;
A
2 'polypeptide(L)'
;MIQRTPKIQVYSRHPAENGKSNFLNCYVSGFHPSDIEVDLLKNGERIEKVEHSDLSFSKDWSFYLLYYTEFTPTEKDEYA
CRVNHVTLSQPKIVKWDRDM
;
B
3 'polypeptide(L)' QLPRLFPLL C
4 'polypeptide(L)'
;GEDVEQSLFLSVREGDSSVINCTYTDSSSTYLYWYKQEPGAGLQLLTYIFSNMDMKQDQRLTVLLNKKDKHLSLRIADTQ
TGDSAIYFCAEPSGNTGKLIFGQGTTLQVKPIQNPDPAVYQLRDSKSSDKSVCLFTDFDSQTNVSQSKDSDVYITDKCVL
DMRSMDFKSNSAVAWSNKSDFACANAFNNSIIPE
;
D
5 'polypeptide(L)'
;TGVSQDPRHKITKRGQNVTFRCDPISEHNRLYWYRQTLGQGPEFLTYFQNEAQLEKSRLLSDRFSAERPKGSFSTLEIQR
TEQGDSAMYLCASSLHHEQYFGPGTRLTVTEDLKNVFPPEVAVFEPSEAEISHTQKATLVCLATGFYPDHVELSWWVNGK
EVHSGVCTDPQPLKEQPALNDSRYALSSRLRVSATFWQDPRNHFRCQVQFYGLSENDEWTQDRAKPVTQIVSAEAWGRAD
;
E
#
loop_
_chem_comp.id
_chem_comp.type
_chem_comp.name
_chem_comp.formula
EDO non-polymer 1,2-ETHANEDIOL 'C2 H6 O2'
MES non-polymer '2-(N-MORPHOLINO)-ETHANESULFONIC ACID' 'C6 H13 N O4 S'
SO4 non-polymer 'SULFATE ION' 'O4 S -2'
#
# COMPACT_ATOMS: atom_id res chain seq x y z
N GLY A 1 33.53 -7.32 -4.62
CA GLY A 1 32.97 -8.68 -4.91
C GLY A 1 31.46 -8.63 -4.97
N SER A 2 30.80 -9.52 -4.22
CA SER A 2 29.36 -9.41 -3.85
C SER A 2 29.22 -8.47 -2.63
N HIS A 3 28.31 -7.49 -2.68
CA HIS A 3 27.97 -6.62 -1.51
C HIS A 3 26.51 -6.77 -1.10
N SER A 4 26.16 -6.17 0.04
CA SER A 4 24.89 -6.35 0.77
C SER A 4 24.46 -5.04 1.44
N MET A 5 23.18 -4.95 1.76
CA MET A 5 22.57 -3.81 2.48
C MET A 5 21.55 -4.40 3.45
N ARG A 6 21.72 -4.15 4.74
CA ARG A 6 20.81 -4.62 5.81
C ARG A 6 20.41 -3.43 6.63
N TYR A 7 19.11 -3.25 6.79
CA TYR A 7 18.48 -2.41 7.84
C TYR A 7 18.08 -3.34 9.02
N PHE A 8 18.27 -2.90 10.26
CA PHE A 8 17.86 -3.69 11.46
C PHE A 8 16.97 -2.85 12.42
N SER A 9 15.66 -3.05 12.34
CA SER A 9 14.63 -2.63 13.31
C SER A 9 14.75 -3.40 14.62
N THR A 10 14.36 -2.75 15.73
CA THR A 10 14.24 -3.29 17.13
C THR A 10 13.18 -2.44 17.89
N SER A 11 12.02 -3.00 18.19
CA SER A 11 10.95 -2.38 19.02
C SER A 11 10.85 -3.11 20.35
N VAL A 12 10.62 -2.37 21.44
CA VAL A 12 10.67 -2.90 22.82
C VAL A 12 9.58 -2.20 23.65
N SER A 13 8.53 -2.94 24.08
CA SER A 13 7.37 -2.39 24.83
C SER A 13 7.83 -1.89 26.20
N ARG A 14 7.27 -0.78 26.68
CA ARG A 14 7.64 -0.15 27.97
C ARG A 14 6.40 0.10 28.80
N PRO A 15 5.71 -0.96 29.26
CA PRO A 15 4.42 -0.79 29.95
C PRO A 15 4.56 0.27 31.05
N GLY A 16 3.73 1.31 31.00
CA GLY A 16 3.58 2.31 32.07
C GLY A 16 4.47 3.54 31.88
N ARG A 17 5.60 3.42 31.18
CA ARG A 17 6.66 4.50 31.08
C ARG A 17 6.75 4.98 29.61
N GLY A 18 5.62 4.96 28.89
CA GLY A 18 5.46 5.59 27.57
C GLY A 18 4.98 4.60 26.52
N GLU A 19 5.06 4.97 25.24
CA GLU A 19 4.85 4.05 24.07
C GLU A 19 6.13 3.25 23.84
N PRO A 20 6.09 2.16 23.03
CA PRO A 20 7.24 1.29 22.86
C PRO A 20 8.37 2.16 22.34
N ARG A 21 9.57 1.62 22.27
CA ARG A 21 10.76 2.33 21.76
C ARG A 21 11.18 1.68 20.45
N PHE A 22 11.39 2.46 19.39
CA PHE A 22 11.85 1.96 18.05
C PHE A 22 13.23 2.51 17.73
N ILE A 23 14.14 1.59 17.36
CA ILE A 23 15.53 1.90 16.93
C ILE A 23 15.76 1.08 15.70
N ALA A 24 16.19 1.73 14.64
CA ALA A 24 16.56 1.08 13.40
C ALA A 24 17.93 1.57 12.99
N VAL A 25 18.70 0.69 12.37
CA VAL A 25 20.05 0.98 11.86
C VAL A 25 20.25 0.42 10.45
N GLY A 26 20.94 1.17 9.61
CA GLY A 26 21.30 0.77 8.24
C GLY A 26 22.76 0.44 8.14
N TYR A 27 23.08 -0.58 7.35
CA TYR A 27 24.44 -1.07 7.07
C TYR A 27 24.54 -1.39 5.59
N VAL A 28 25.66 -1.08 4.98
CA VAL A 28 26.12 -1.71 3.73
C VAL A 28 27.35 -2.49 4.12
N ASP A 29 27.40 -3.79 3.86
CA ASP A 29 28.52 -4.62 4.34
C ASP A 29 28.61 -4.39 5.86
N ASP A 30 29.82 -4.23 6.40
CA ASP A 30 30.10 -4.12 7.86
C ASP A 30 30.18 -2.64 8.26
N THR A 31 29.58 -1.74 7.48
CA THR A 31 29.72 -0.27 7.62
C THR A 31 28.33 0.37 7.79
N GLN A 32 28.08 1.02 8.92
CA GLN A 32 26.72 1.57 9.28
C GLN A 32 26.61 2.96 8.67
N PHE A 33 25.48 3.24 8.00
CA PHE A 33 25.27 4.46 7.16
C PHE A 33 24.10 5.31 7.71
N VAL A 34 23.19 4.78 8.50
CA VAL A 34 22.11 5.61 9.11
C VAL A 34 21.65 5.01 10.43
N ARG A 35 20.80 5.75 11.12
CA ARG A 35 20.19 5.40 12.42
C ARG A 35 18.91 6.23 12.57
N PHE A 36 17.90 5.66 13.18
CA PHE A 36 16.73 6.38 13.72
C PHE A 36 16.47 5.89 15.14
N ASP A 37 16.27 6.77 16.08
CA ASP A 37 15.92 6.38 17.46
C ASP A 37 14.73 7.21 17.89
N SER A 38 13.64 6.54 18.29
CA SER A 38 12.31 7.15 18.51
C SER A 38 12.38 8.08 19.73
N ASP A 39 13.25 7.78 20.68
CA ASP A 39 13.39 8.57 21.93
C ASP A 39 14.15 9.90 21.70
N ALA A 40 15.02 9.95 20.69
CA ALA A 40 15.79 11.14 20.28
C ALA A 40 14.87 12.35 20.08
N ALA A 41 15.40 13.55 20.31
CA ALA A 41 14.80 14.85 19.95
C ALA A 41 14.54 14.90 18.46
N SER A 42 15.59 14.61 17.67
CA SER A 42 15.75 15.02 16.24
C SER A 42 14.56 14.53 15.41
N GLN A 43 14.09 13.32 15.71
CA GLN A 43 12.91 12.67 15.11
C GLN A 43 13.13 12.50 13.61
N ARG A 44 14.27 11.95 13.24
CA ARG A 44 14.77 12.00 11.85
C ARG A 44 15.75 10.88 11.61
N MET A 45 15.72 10.31 10.40
CA MET A 45 16.78 9.42 9.91
C MET A 45 18.05 10.25 9.83
N GLU A 46 18.97 9.97 10.73
CA GLU A 46 20.23 10.70 10.86
C GLU A 46 21.29 9.90 10.15
N PRO A 47 22.25 10.60 9.53
CA PRO A 47 23.39 9.96 8.92
C PRO A 47 24.47 9.59 9.93
N ARG A 48 25.27 8.61 9.52
CA ARG A 48 26.14 7.79 10.37
C ARG A 48 27.43 7.48 9.63
N ALA A 49 27.55 7.91 8.39
CA ALA A 49 28.86 7.98 7.73
C ALA A 49 28.98 9.29 7.04
N PRO A 50 30.22 9.77 6.81
CA PRO A 50 30.42 11.03 6.10
C PRO A 50 30.10 10.92 4.59
N TRP A 51 29.97 9.72 4.03
CA TRP A 51 29.67 9.55 2.57
C TRP A 51 28.15 9.65 2.29
N ILE A 52 27.31 9.29 3.26
CA ILE A 52 25.82 9.31 3.11
C ILE A 52 25.34 10.75 3.32
N GLU A 53 26.19 11.68 3.79
CA GLU A 53 25.78 13.09 4.06
C GLU A 53 25.60 13.85 2.74
N GLN A 54 26.08 13.30 1.62
CA GLN A 54 26.04 13.93 0.29
C GLN A 54 24.68 13.73 -0.39
N GLU A 55 23.82 12.83 0.09
CA GLU A 55 22.45 12.62 -0.47
C GLU A 55 21.56 13.85 -0.21
N GLY A 56 20.72 14.23 -1.18
CA GLY A 56 20.05 15.54 -1.26
C GLY A 56 18.86 15.64 -0.32
N PRO A 57 18.28 16.86 -0.17
CA PRO A 57 17.18 17.08 0.77
C PRO A 57 16.12 15.97 0.70
N GLU A 58 15.65 15.63 -0.50
CA GLU A 58 14.55 14.65 -0.73
C GLU A 58 14.85 13.37 0.09
N TYR A 59 16.04 12.80 -0.05
CA TYR A 59 16.45 11.51 0.59
C TYR A 59 16.07 11.54 2.07
N TRP A 60 16.44 12.62 2.75
CA TRP A 60 16.31 12.74 4.21
C TRP A 60 14.83 12.80 4.60
N ASP A 61 14.04 13.59 3.88
CA ASP A 61 12.62 13.78 4.22
C ASP A 61 11.94 12.46 3.92
N GLU A 62 12.27 11.86 2.78
CA GLU A 62 11.68 10.58 2.31
C GLU A 62 11.85 9.49 3.37
N GLU A 63 13.10 9.31 3.79
CA GLU A 63 13.62 8.24 4.68
C GLU A 63 13.03 8.40 6.08
N THR A 64 12.97 9.63 6.58
CA THR A 64 12.32 9.98 7.86
C THR A 64 10.85 9.54 7.86
N GLY A 65 10.07 9.88 6.83
CA GLY A 65 8.63 9.52 6.76
C GLY A 65 8.38 8.01 6.79
N LYS A 66 9.37 7.22 6.38
CA LYS A 66 9.25 5.78 6.09
C LYS A 66 9.60 5.07 7.37
N VAL A 67 10.80 5.31 7.85
CA VAL A 67 11.29 4.78 9.16
C VAL A 67 10.36 5.24 10.27
N LYS A 68 9.76 6.43 10.14
CA LYS A 68 8.67 6.89 11.06
C LYS A 68 7.42 5.99 10.90
N ALA A 69 6.99 5.65 9.70
CA ALA A 69 5.84 4.73 9.52
C ALA A 69 6.27 3.27 9.72
N HIS A 70 7.55 2.95 9.62
CA HIS A 70 8.05 1.59 9.96
C HIS A 70 7.77 1.35 11.47
N SER A 71 7.73 2.44 12.24
CA SER A 71 7.78 2.37 13.71
C SER A 71 6.37 2.23 14.21
N GLN A 72 5.42 2.82 13.48
CA GLN A 72 3.98 2.78 13.83
C GLN A 72 3.44 1.40 13.47
N THR A 73 4.10 0.74 12.54
CA THR A 73 3.68 -0.57 12.05
C THR A 73 4.23 -1.63 13.00
N ASP A 74 5.51 -1.55 13.36
CA ASP A 74 6.15 -2.54 14.27
C ASP A 74 5.63 -2.25 15.69
N ARG A 75 5.15 -1.05 15.98
CA ARG A 75 4.35 -0.78 17.21
C ARG A 75 3.14 -1.72 17.27
N GLU A 76 2.21 -1.60 16.32
CA GLU A 76 0.95 -2.40 16.27
C GLU A 76 1.25 -3.90 16.14
N ASN A 77 2.38 -4.24 15.54
CA ASN A 77 2.88 -5.63 15.40
C ASN A 77 3.12 -6.24 16.80
N LEU A 78 3.74 -5.50 17.73
CA LEU A 78 3.87 -5.91 19.17
C LEU A 78 2.49 -6.19 19.75
N ARG A 79 1.51 -5.33 19.46
CA ARG A 79 0.12 -5.41 20.00
C ARG A 79 -0.48 -6.72 19.52
N ILE A 80 -0.28 -7.08 18.26
CA ILE A 80 -0.93 -8.31 17.71
C ILE A 80 -0.31 -9.51 18.41
N ALA A 81 1.03 -9.58 18.45
CA ALA A 81 1.79 -10.72 19.01
C ALA A 81 1.31 -10.98 20.44
N LEU A 82 1.21 -9.96 21.26
CA LEU A 82 0.58 -10.08 22.61
C LEU A 82 -0.56 -11.06 22.47
N ARG A 83 -1.53 -10.72 21.62
CA ARG A 83 -2.85 -11.38 21.56
C ARG A 83 -2.68 -12.81 21.05
N TYR A 84 -1.84 -13.03 20.03
CA TYR A 84 -1.52 -14.35 19.43
C TYR A 84 -0.94 -15.31 20.48
N TYR A 85 -0.28 -14.79 21.50
CA TYR A 85 0.39 -15.60 22.55
C TYR A 85 -0.35 -15.49 23.88
N ASN A 86 -1.54 -14.91 23.86
CA ASN A 86 -2.35 -14.54 25.03
C ASN A 86 -1.45 -14.13 26.22
N GLN A 87 -0.55 -13.17 25.99
CA GLN A 87 0.34 -12.65 27.06
C GLN A 87 -0.26 -11.37 27.63
N SER A 88 -0.08 -11.21 28.93
CA SER A 88 -0.50 -10.03 29.74
C SER A 88 0.27 -8.76 29.29
N GLU A 89 -0.46 -7.64 29.24
CA GLU A 89 -0.03 -6.32 28.65
C GLU A 89 1.07 -5.72 29.54
N ALA A 90 0.97 -5.98 30.85
CA ALA A 90 1.92 -5.56 31.90
C ALA A 90 3.34 -6.05 31.57
N GLY A 91 3.48 -7.10 30.78
CA GLY A 91 4.81 -7.62 30.35
C GLY A 91 5.44 -6.80 29.23
N SER A 92 6.76 -6.67 29.25
CA SER A 92 7.55 -6.00 28.18
C SER A 92 8.14 -7.04 27.22
N HIS A 93 8.11 -6.76 25.93
CA HIS A 93 8.53 -7.70 24.89
C HIS A 93 9.29 -7.00 23.76
N THR A 94 9.92 -7.79 22.89
CA THR A 94 10.94 -7.36 21.92
C THR A 94 10.70 -7.99 20.55
N LEU A 95 10.31 -7.14 19.61
CA LEU A 95 10.18 -7.49 18.20
C LEU A 95 11.36 -6.89 17.44
N GLN A 96 12.21 -7.75 16.88
CA GLN A 96 13.27 -7.33 15.93
C GLN A 96 12.91 -7.85 14.54
N MET A 97 13.05 -7.01 13.53
CA MET A 97 13.09 -7.49 12.14
C MET A 97 14.43 -7.11 11.51
N MET A 98 14.77 -7.75 10.41
CA MET A 98 16.00 -7.52 9.61
C MET A 98 15.62 -7.79 8.17
N PHE A 99 15.93 -6.90 7.23
CA PHE A 99 15.70 -7.10 5.78
C PHE A 99 16.84 -6.43 5.03
N GLY A 100 16.81 -6.61 3.72
CA GLY A 100 17.82 -6.04 2.82
C GLY A 100 18.04 -6.96 1.66
N CYS A 101 19.14 -6.79 0.93
CA CYS A 101 19.39 -7.47 -0.37
C CYS A 101 20.88 -7.46 -0.66
N ASP A 102 21.29 -8.16 -1.71
CA ASP A 102 22.69 -8.48 -2.03
C ASP A 102 22.86 -8.35 -3.53
N VAL A 103 24.06 -7.99 -4.01
CA VAL A 103 24.42 -7.94 -5.48
C VAL A 103 25.82 -8.48 -5.66
N GLY A 104 26.14 -9.01 -6.85
CA GLY A 104 27.50 -9.50 -7.25
C GLY A 104 28.36 -8.38 -7.80
N SER A 105 29.61 -8.68 -8.21
CA SER A 105 30.55 -7.71 -8.85
C SER A 105 29.90 -7.15 -10.13
N ASP A 106 29.08 -7.97 -10.80
CA ASP A 106 28.23 -7.56 -11.96
C ASP A 106 27.24 -6.50 -11.49
N GLY A 107 27.16 -6.25 -10.19
CA GLY A 107 26.24 -5.27 -9.61
C GLY A 107 24.82 -5.77 -9.71
N ARG A 108 24.64 -7.01 -10.10
CA ARG A 108 23.30 -7.64 -10.35
C ARG A 108 22.75 -8.26 -9.06
N PHE A 109 21.42 -8.31 -8.93
CA PHE A 109 20.69 -8.77 -7.71
C PHE A 109 20.90 -10.27 -7.50
N LEU A 110 21.05 -10.69 -6.23
CA LEU A 110 21.58 -12.02 -5.85
C LEU A 110 20.68 -12.76 -4.84
N ARG A 111 20.14 -12.04 -3.85
CA ARG A 111 19.40 -12.59 -2.69
C ARG A 111 18.58 -11.49 -1.99
N GLY A 112 17.38 -11.81 -1.53
CA GLY A 112 16.60 -10.95 -0.61
C GLY A 112 16.49 -11.51 0.81
N TYR A 113 16.14 -10.67 1.77
CA TYR A 113 16.00 -11.03 3.20
C TYR A 113 14.85 -10.25 3.80
N HIS A 114 14.07 -10.88 4.68
CA HIS A 114 12.90 -10.28 5.36
C HIS A 114 12.49 -11.19 6.48
N GLN A 115 12.95 -10.91 7.70
CA GLN A 115 12.92 -11.83 8.85
C GLN A 115 12.43 -11.07 10.08
N TYR A 116 11.74 -11.76 10.97
CA TYR A 116 11.21 -11.24 12.25
C TYR A 116 11.60 -12.20 13.37
N ALA A 117 11.88 -11.64 14.54
CA ALA A 117 12.15 -12.38 15.79
C ALA A 117 11.29 -11.81 16.91
N TYR A 118 10.54 -12.62 17.63
CA TYR A 118 9.83 -12.16 18.85
C TYR A 118 10.56 -12.71 20.06
N ASP A 119 10.86 -11.84 21.02
CA ASP A 119 11.49 -12.16 22.31
C ASP A 119 12.70 -13.06 22.08
N GLY A 120 13.50 -12.74 21.07
CA GLY A 120 14.84 -13.33 20.88
C GLY A 120 14.80 -14.61 20.11
N LYS A 121 13.63 -14.98 19.58
CA LYS A 121 13.45 -16.23 18.79
C LYS A 121 12.89 -15.87 17.43
N ASP A 122 13.27 -16.61 16.41
CA ASP A 122 12.67 -16.59 15.07
C ASP A 122 11.14 -16.50 15.21
N TYR A 123 10.50 -15.72 14.36
CA TYR A 123 9.03 -15.75 14.20
C TYR A 123 8.71 -16.21 12.77
N ILE A 124 9.07 -15.37 11.81
CA ILE A 124 8.71 -15.60 10.38
C ILE A 124 9.80 -14.97 9.52
N ALA A 125 10.17 -15.66 8.45
CA ALA A 125 11.28 -15.31 7.55
C ALA A 125 10.90 -15.71 6.12
N LEU A 126 11.24 -14.87 5.14
CA LEU A 126 10.92 -15.08 3.72
C LEU A 126 11.97 -16.04 3.17
N LYS A 127 11.56 -17.12 2.52
CA LYS A 127 12.51 -18.16 2.00
C LYS A 127 13.36 -17.49 0.90
N GLU A 128 14.51 -18.05 0.53
CA GLU A 128 15.45 -17.42 -0.44
C GLU A 128 14.80 -17.42 -1.84
N ASP A 129 13.70 -18.15 -2.02
CA ASP A 129 12.96 -18.25 -3.31
C ASP A 129 11.92 -17.11 -3.38
N LEU A 130 11.71 -16.43 -2.25
CA LEU A 130 10.92 -15.17 -2.11
C LEU A 130 9.46 -15.37 -2.52
N ARG A 131 8.95 -16.60 -2.48
CA ARG A 131 7.53 -16.83 -2.73
C ARG A 131 6.85 -17.32 -1.47
N SER A 132 7.60 -17.74 -0.45
CA SER A 132 7.06 -18.47 0.72
C SER A 132 7.61 -17.90 2.03
N TRP A 133 6.98 -18.28 3.15
CA TRP A 133 7.47 -18.02 4.54
C TRP A 133 7.73 -19.32 5.30
N THR A 134 8.77 -19.34 6.15
CA THR A 134 9.02 -20.32 7.25
C THR A 134 8.45 -19.78 8.56
N ALA A 135 7.42 -20.40 9.13
CA ALA A 135 6.83 -20.02 10.42
C ALA A 135 7.55 -20.82 11.53
N ALA A 136 7.92 -20.17 12.64
CA ALA A 136 8.67 -20.81 13.76
C ALA A 136 7.71 -21.52 14.73
N ASP A 137 6.45 -21.10 14.82
CA ASP A 137 5.47 -21.63 15.80
C ASP A 137 4.05 -21.42 15.27
N MET A 138 3.02 -21.80 16.01
CA MET A 138 1.63 -21.84 15.50
C MET A 138 0.99 -20.43 15.49
N ALA A 139 1.68 -19.41 16.01
CA ALA A 139 1.31 -17.97 15.87
C ALA A 139 1.86 -17.43 14.54
N ALA A 140 3.11 -17.75 14.23
CA ALA A 140 3.75 -17.51 12.92
C ALA A 140 2.91 -18.14 11.83
N GLN A 141 2.32 -19.30 12.10
CA GLN A 141 1.47 -20.03 11.12
C GLN A 141 0.28 -19.14 10.78
N ILE A 142 -0.24 -18.42 11.78
CA ILE A 142 -1.42 -17.53 11.61
C ILE A 142 -0.98 -16.43 10.66
N THR A 143 0.16 -15.82 10.97
CA THR A 143 0.81 -14.80 10.12
C THR A 143 1.07 -15.38 8.71
N LYS A 144 1.61 -16.59 8.63
CA LYS A 144 1.93 -17.20 7.34
C LYS A 144 0.64 -17.38 6.52
N ARG A 145 -0.52 -17.63 7.12
CA ARG A 145 -1.78 -17.83 6.32
C ARG A 145 -2.30 -16.47 5.84
N LYS A 146 -2.27 -15.43 6.67
CA LYS A 146 -2.72 -14.06 6.29
C LYS A 146 -1.86 -13.58 5.13
N TRP A 147 -0.55 -13.71 5.27
CA TRP A 147 0.45 -13.11 4.34
C TRP A 147 0.39 -13.82 2.98
N GLU A 148 -0.04 -15.05 2.96
CA GLU A 148 -0.15 -15.81 1.71
C GLU A 148 -1.42 -15.36 0.97
N ALA A 149 -2.50 -15.08 1.70
CA ALA A 149 -3.77 -14.54 1.16
C ALA A 149 -3.61 -13.09 0.70
N ALA A 150 -2.83 -12.29 1.42
CA ALA A 150 -2.53 -10.86 1.16
C ALA A 150 -1.66 -10.70 -0.08
N HIS A 151 -0.84 -11.70 -0.34
CA HIS A 151 0.22 -11.68 -1.37
C HIS A 151 1.31 -10.73 -0.91
N VAL A 152 1.70 -10.78 0.36
CA VAL A 152 2.77 -9.90 0.92
C VAL A 152 4.09 -10.18 0.19
N ALA A 153 4.38 -11.46 -0.05
CA ALA A 153 5.70 -11.93 -0.53
C ALA A 153 5.92 -11.38 -1.96
N GLU A 154 4.85 -11.34 -2.76
CA GLU A 154 4.87 -10.83 -4.16
C GLU A 154 5.18 -9.33 -4.15
N GLN A 155 4.62 -8.60 -3.19
CA GLN A 155 4.83 -7.14 -3.03
C GLN A 155 6.23 -6.89 -2.51
N GLN A 156 6.65 -7.58 -1.45
CA GLN A 156 7.96 -7.33 -0.80
C GLN A 156 9.08 -7.71 -1.78
N ARG A 157 8.88 -8.75 -2.59
CA ARG A 157 9.82 -9.16 -3.64
C ARG A 157 10.11 -7.96 -4.57
N ALA A 158 9.05 -7.28 -5.02
CA ALA A 158 9.13 -6.07 -5.86
C ALA A 158 10.03 -5.02 -5.20
N TYR A 159 9.87 -4.77 -3.89
CA TYR A 159 10.72 -3.79 -3.16
C TYR A 159 12.17 -4.25 -3.21
N LEU A 160 12.41 -5.52 -2.88
CA LEU A 160 13.78 -6.08 -2.70
C LEU A 160 14.48 -6.13 -4.04
N GLU A 161 13.82 -6.67 -5.06
CA GLU A 161 14.41 -6.75 -6.43
C GLU A 161 14.57 -5.35 -7.02
N GLY A 162 13.89 -4.34 -6.47
CA GLY A 162 13.78 -3.00 -7.09
C GLY A 162 14.45 -1.90 -6.29
N THR A 163 13.66 -1.15 -5.52
CA THR A 163 14.16 -0.01 -4.73
C THR A 163 15.35 -0.41 -3.86
N CYS A 164 15.42 -1.63 -3.34
CA CYS A 164 16.51 -2.04 -2.40
C CYS A 164 17.85 -2.05 -3.14
N VAL A 165 17.94 -2.84 -4.21
CA VAL A 165 19.11 -2.88 -5.12
C VAL A 165 19.48 -1.45 -5.55
N ASP A 166 18.55 -0.72 -6.18
CA ASP A 166 18.80 0.63 -6.72
C ASP A 166 19.56 1.47 -5.68
N GLY A 167 19.01 1.53 -4.49
CA GLY A 167 19.67 2.10 -3.30
C GLY A 167 21.08 1.60 -3.14
N LEU A 168 21.28 0.29 -3.08
CA LEU A 168 22.62 -0.28 -2.78
C LEU A 168 23.66 0.19 -3.83
N ARG A 169 23.35 0.13 -5.11
CA ARG A 169 24.31 0.50 -6.18
C ARG A 169 24.77 1.97 -6.01
N ARG A 170 23.84 2.86 -5.71
CA ARG A 170 24.08 4.30 -5.55
C ARG A 170 25.05 4.48 -4.40
N TYR A 171 24.78 3.81 -3.29
CA TYR A 171 25.65 3.86 -2.09
C TYR A 171 27.05 3.32 -2.40
N LEU A 172 27.16 2.26 -3.20
CA LEU A 172 28.47 1.63 -3.56
C LEU A 172 29.27 2.60 -4.43
N GLU A 173 28.58 3.54 -5.08
CA GLU A 173 29.15 4.46 -6.10
C GLU A 173 29.41 5.83 -5.48
N ASN A 174 28.49 6.35 -4.67
CA ASN A 174 28.71 7.58 -3.87
C ASN A 174 29.74 7.29 -2.75
N GLY A 175 29.79 6.06 -2.24
CA GLY A 175 30.64 5.68 -1.08
C GLY A 175 31.82 4.78 -1.47
N LYS A 176 32.10 4.62 -2.76
CA LYS A 176 33.07 3.63 -3.33
C LYS A 176 34.37 3.62 -2.50
N GLU A 177 34.86 4.79 -2.03
CA GLU A 177 36.20 4.97 -1.41
C GLU A 177 36.26 4.21 -0.09
N THR A 178 35.11 4.08 0.57
CA THR A 178 34.96 3.44 1.89
C THR A 178 34.51 2.00 1.72
N LEU A 179 33.44 1.77 0.96
CA LEU A 179 32.68 0.50 0.95
C LEU A 179 33.38 -0.52 0.07
N GLN A 180 34.14 -0.05 -0.91
CA GLN A 180 34.79 -0.91 -1.91
C GLN A 180 36.29 -0.90 -1.65
N ARG A 181 36.70 -0.87 -0.39
CA ARG A 181 38.12 -0.99 0.02
C ARG A 181 38.32 -2.33 0.75
N THR A 182 39.48 -2.96 0.54
CA THR A 182 40.04 -4.01 1.43
C THR A 182 41.22 -3.42 2.21
N ASP A 183 41.10 -3.38 3.54
CA ASP A 183 42.22 -3.12 4.48
C ASP A 183 42.88 -4.45 4.87
N PRO A 184 44.12 -4.73 4.44
CA PRO A 184 44.80 -5.96 4.87
C PRO A 184 44.94 -5.97 6.39
N PRO A 185 44.90 -7.15 7.06
CA PRO A 185 45.23 -7.22 8.50
C PRO A 185 46.72 -7.02 8.87
N LYS A 186 46.95 -6.14 9.86
CA LYS A 186 48.26 -5.99 10.59
C LYS A 186 48.33 -7.12 11.62
N THR A 187 49.39 -7.94 11.55
CA THR A 187 49.50 -9.25 12.28
C THR A 187 50.82 -9.29 13.06
N HIS A 188 50.74 -9.31 14.40
CA HIS A 188 51.89 -9.50 15.32
C HIS A 188 51.53 -10.60 16.31
N MET A 189 52.50 -11.08 17.09
CA MET A 189 52.36 -12.23 18.02
C MET A 189 52.90 -11.85 19.40
N THR A 190 52.08 -11.98 20.45
CA THR A 190 52.53 -11.85 21.87
C THR A 190 52.68 -13.26 22.49
N HIS A 191 53.53 -13.34 23.50
CA HIS A 191 53.82 -14.55 24.30
C HIS A 191 53.79 -14.12 25.76
N HIS A 192 52.95 -14.75 26.57
CA HIS A 192 52.92 -14.55 28.04
C HIS A 192 53.05 -15.93 28.72
N PRO A 193 54.23 -16.34 29.20
CA PRO A 193 54.36 -17.68 29.79
C PRO A 193 53.52 -17.75 31.07
N ILE A 194 52.59 -18.70 31.14
CA ILE A 194 51.72 -18.94 32.33
C ILE A 194 52.60 -19.49 33.48
N SER A 195 53.54 -20.39 33.20
CA SER A 195 54.57 -20.88 34.16
C SER A 195 55.90 -21.21 33.44
N ASP A 196 56.93 -21.61 34.18
CA ASP A 196 58.23 -22.06 33.61
C ASP A 196 58.01 -23.31 32.74
N HIS A 197 56.97 -24.10 33.03
CA HIS A 197 56.70 -25.37 32.30
C HIS A 197 55.87 -25.11 31.02
N GLU A 198 54.95 -24.14 31.00
CA GLU A 198 54.01 -23.88 29.84
C GLU A 198 53.94 -22.37 29.53
N ALA A 199 53.66 -22.00 28.27
CA ALA A 199 53.62 -20.59 27.80
C ALA A 199 52.42 -20.37 26.89
N THR A 200 52.00 -19.10 26.71
CA THR A 200 50.79 -18.69 25.93
C THR A 200 51.21 -17.94 24.66
N LEU A 201 50.70 -18.38 23.50
CA LEU A 201 50.96 -17.79 22.16
C LEU A 201 49.68 -17.16 21.62
N ARG A 202 49.65 -15.83 21.52
CA ARG A 202 48.49 -15.06 21.00
C ARG A 202 48.81 -14.57 19.59
N CYS A 203 47.95 -14.93 18.64
CA CYS A 203 48.00 -14.51 17.21
C CYS A 203 47.05 -13.32 16.97
N TRP A 204 47.62 -12.18 16.57
CA TRP A 204 46.93 -10.88 16.45
C TRP A 204 46.68 -10.50 14.98
N ALA A 205 45.41 -10.27 14.64
CA ALA A 205 44.96 -9.55 13.44
C ALA A 205 44.31 -8.24 13.89
N LEU A 206 44.95 -7.10 13.60
CA LEU A 206 44.43 -5.73 13.91
C LEU A 206 44.17 -4.93 12.61
N GLY A 207 43.20 -4.00 12.66
CA GLY A 207 43.03 -2.93 11.65
C GLY A 207 42.73 -3.43 10.23
N PHE A 208 41.75 -4.33 10.10
CA PHE A 208 41.36 -5.00 8.84
C PHE A 208 39.85 -4.81 8.63
N TYR A 209 39.42 -4.85 7.35
CA TYR A 209 38.03 -4.63 6.86
C TYR A 209 37.89 -5.33 5.53
N PRO A 210 36.79 -6.09 5.28
CA PRO A 210 35.70 -6.26 6.25
C PRO A 210 35.99 -7.26 7.37
N ALA A 211 34.99 -7.47 8.23
CA ALA A 211 35.03 -8.24 9.50
C ALA A 211 35.43 -9.71 9.29
N GLU A 212 35.04 -10.30 8.16
CA GLU A 212 35.20 -11.76 7.89
C GLU A 212 36.69 -12.07 7.90
N ILE A 213 37.10 -13.00 8.77
CA ILE A 213 38.49 -13.52 8.89
C ILE A 213 38.39 -14.99 9.33
N THR A 214 39.46 -15.77 9.13
CA THR A 214 39.61 -17.16 9.66
C THR A 214 41.04 -17.32 10.20
N LEU A 215 41.21 -17.30 11.53
CA LEU A 215 42.54 -17.45 12.21
C LEU A 215 42.68 -18.88 12.74
N THR A 216 43.70 -19.60 12.25
CA THR A 216 43.90 -21.06 12.47
C THR A 216 45.35 -21.33 12.93
N TRP A 217 45.49 -21.77 14.19
CA TRP A 217 46.72 -22.34 14.80
C TRP A 217 46.92 -23.75 14.22
N GLN A 218 48.18 -24.23 14.15
CA GLN A 218 48.51 -25.66 13.85
C GLN A 218 49.94 -26.01 14.33
N ARG A 219 50.17 -27.26 14.74
CA ARG A 219 51.49 -27.77 15.24
C ARG A 219 52.01 -28.87 14.32
N ASP A 220 53.16 -28.65 13.67
CA ASP A 220 53.89 -29.69 12.93
C ASP A 220 52.94 -30.29 11.87
N GLY A 221 52.24 -29.44 11.10
CA GLY A 221 51.10 -29.82 10.25
C GLY A 221 49.78 -29.42 10.88
N GLU A 222 48.66 -30.06 10.47
CA GLU A 222 47.23 -29.66 10.75
C GLU A 222 46.91 -29.86 12.25
N ASP A 223 46.18 -28.92 12.89
CA ASP A 223 45.76 -28.98 14.32
C ASP A 223 44.51 -28.13 14.51
N GLN A 224 43.33 -28.76 14.62
CA GLN A 224 42.06 -28.12 15.07
C GLN A 224 41.65 -28.76 16.40
N THR A 225 41.61 -27.95 17.46
CA THR A 225 41.35 -28.42 18.85
C THR A 225 40.64 -27.32 19.61
N GLN A 226 39.92 -27.71 20.67
CA GLN A 226 39.41 -26.82 21.74
C GLN A 226 40.54 -26.53 22.76
N ASP A 227 41.74 -27.07 22.52
CA ASP A 227 43.03 -26.57 23.10
C ASP A 227 43.27 -25.11 22.67
N THR A 228 42.88 -24.75 21.44
CA THR A 228 42.82 -23.38 20.88
C THR A 228 41.57 -22.64 21.38
N GLU A 229 41.64 -21.31 21.56
CA GLU A 229 40.43 -20.43 21.76
C GLU A 229 40.50 -19.21 20.82
N LEU A 230 39.31 -18.66 20.45
CA LEU A 230 39.09 -17.45 19.61
C LEU A 230 38.13 -16.50 20.32
N VAL A 231 38.45 -15.22 20.38
CA VAL A 231 37.47 -14.18 20.82
C VAL A 231 36.68 -13.79 19.56
N GLU A 232 35.37 -13.49 19.71
CA GLU A 232 34.52 -13.04 18.57
C GLU A 232 35.11 -11.72 18.02
N THR A 233 35.22 -11.60 16.70
CA THR A 233 35.70 -10.39 16.00
C THR A 233 35.03 -9.16 16.64
N ARG A 234 35.81 -8.15 17.04
CA ARG A 234 35.34 -6.91 17.71
C ARG A 234 35.73 -5.69 16.85
N PRO A 235 34.93 -4.59 16.88
CA PRO A 235 35.24 -3.40 16.12
C PRO A 235 36.25 -2.52 16.87
N ALA A 236 37.31 -2.10 16.20
CA ALA A 236 38.29 -1.10 16.71
C ALA A 236 37.61 0.25 17.00
N GLY A 237 36.59 0.68 16.22
CA GLY A 237 35.83 1.91 16.46
C GLY A 237 36.17 2.99 15.43
N ASP A 238 37.22 2.74 14.65
CA ASP A 238 37.66 3.62 13.52
C ASP A 238 37.20 3.05 12.16
N GLY A 239 36.35 2.02 12.13
CA GLY A 239 35.86 1.39 10.89
C GLY A 239 36.63 0.14 10.49
N THR A 240 37.70 -0.21 11.20
CA THR A 240 38.35 -1.54 11.05
C THR A 240 37.90 -2.43 12.20
N PHE A 241 38.26 -3.72 12.13
CA PHE A 241 37.92 -4.75 13.14
C PHE A 241 39.21 -5.36 13.66
N GLN A 242 39.10 -6.00 14.83
CA GLN A 242 40.16 -6.76 15.52
C GLN A 242 39.66 -8.17 15.87
N LYS A 243 40.57 -9.13 15.82
CA LYS A 243 40.44 -10.50 16.35
C LYS A 243 41.82 -10.93 16.82
N TRP A 244 41.91 -11.69 17.92
CA TRP A 244 43.11 -12.50 18.31
C TRP A 244 42.72 -13.95 18.59
N ALA A 245 43.62 -14.88 18.29
CA ALA A 245 43.54 -16.33 18.60
C ALA A 245 44.74 -16.73 19.46
N ALA A 246 44.49 -17.39 20.60
CA ALA A 246 45.53 -17.92 21.52
C ALA A 246 45.60 -19.45 21.42
N VAL A 247 46.75 -20.01 21.78
CA VAL A 247 46.98 -21.47 22.01
C VAL A 247 48.04 -21.60 23.12
N VAL A 248 47.90 -22.60 24.00
CA VAL A 248 48.87 -22.90 25.09
C VAL A 248 49.67 -24.13 24.67
N VAL A 249 50.88 -24.26 25.22
CA VAL A 249 51.97 -25.14 24.70
C VAL A 249 52.96 -25.44 25.84
N PRO A 250 53.82 -26.48 25.71
CA PRO A 250 55.01 -26.58 26.57
C PRO A 250 56.03 -25.45 26.32
N SER A 251 56.98 -25.25 27.23
CA SER A 251 58.11 -24.30 27.09
C SER A 251 59.11 -24.85 26.08
N GLY A 252 59.91 -23.97 25.47
CA GLY A 252 60.85 -24.33 24.38
C GLY A 252 60.16 -25.18 23.33
N GLU A 253 58.91 -24.86 23.02
CA GLU A 253 58.03 -25.65 22.10
C GLU A 253 57.26 -24.70 21.16
N GLU A 254 57.79 -23.50 20.96
CA GLU A 254 57.05 -22.33 20.40
C GLU A 254 57.09 -22.36 18.87
N GLN A 255 57.99 -23.13 18.28
CA GLN A 255 58.19 -23.13 16.81
C GLN A 255 57.55 -24.40 16.22
N ARG A 256 57.12 -25.35 17.07
CA ARG A 256 56.34 -26.54 16.64
C ARG A 256 55.05 -26.11 15.94
N TYR A 257 54.48 -24.97 16.38
CA TYR A 257 53.18 -24.41 15.95
C TYR A 257 53.41 -23.19 15.06
N THR A 258 52.46 -22.92 14.15
CA THR A 258 52.30 -21.64 13.39
C THR A 258 50.85 -21.17 13.44
N CYS A 259 50.60 -19.87 13.22
CA CYS A 259 49.25 -19.26 13.08
C CYS A 259 48.99 -18.88 11.61
N HIS A 260 47.76 -19.08 11.10
CA HIS A 260 47.39 -18.91 9.67
C HIS A 260 46.19 -17.97 9.53
N VAL A 261 46.37 -16.90 8.78
CA VAL A 261 45.38 -15.80 8.59
C VAL A 261 44.88 -15.85 7.15
N GLN A 262 43.55 -15.95 6.99
CA GLN A 262 42.82 -15.74 5.72
C GLN A 262 41.93 -14.48 5.82
N HIS A 263 42.03 -13.61 4.80
CA HIS A 263 41.23 -12.37 4.61
C HIS A 263 41.22 -11.97 3.14
N GLU A 264 40.08 -11.45 2.67
CA GLU A 264 39.85 -10.85 1.32
C GLU A 264 41.07 -10.04 0.83
N GLY A 265 41.60 -9.13 1.67
CA GLY A 265 42.80 -8.31 1.36
C GLY A 265 43.97 -9.16 0.85
N LEU A 266 44.46 -10.09 1.70
CA LEU A 266 45.79 -10.77 1.57
C LEU A 266 45.88 -11.57 0.28
N PRO A 267 46.74 -11.17 -0.69
CA PRO A 267 47.00 -12.02 -1.86
C PRO A 267 47.39 -13.46 -1.45
N LYS A 268 48.17 -13.60 -0.38
CA LYS A 268 48.58 -14.91 0.18
C LYS A 268 48.10 -15.02 1.61
N PRO A 269 47.52 -16.16 2.04
CA PRO A 269 47.32 -16.38 3.47
C PRO A 269 48.68 -16.46 4.18
N LEU A 270 48.81 -15.75 5.31
CA LEU A 270 50.08 -15.56 6.06
C LEU A 270 50.37 -16.77 6.97
N THR A 271 51.60 -16.84 7.47
CA THR A 271 52.03 -17.71 8.59
C THR A 271 52.83 -16.85 9.59
N LEU A 272 52.58 -17.02 10.89
CA LEU A 272 53.27 -16.28 11.98
C LEU A 272 53.86 -17.30 12.95
N ARG A 273 55.10 -17.07 13.38
CA ARG A 273 55.86 -17.88 14.37
C ARG A 273 56.47 -16.95 15.42
N TRP A 274 56.93 -17.52 16.54
CA TRP A 274 57.48 -16.74 17.69
C TRP A 274 59.00 -16.67 17.57
N GLU A 275 59.52 -15.44 17.43
CA GLU A 275 60.93 -15.02 17.66
C GLU A 275 61.04 -14.48 19.08
N PRO A 276 61.87 -15.09 19.97
CA PRO A 276 62.04 -14.57 21.33
C PRO A 276 62.07 -13.03 21.33
N MET B 1 10.01 -16.33 25.87
CA MET B 1 11.17 -15.39 25.81
C MET B 1 12.44 -16.17 25.51
N ILE B 2 13.58 -15.48 25.48
CA ILE B 2 14.93 -16.10 25.46
C ILE B 2 15.92 -15.04 25.96
N GLN B 3 16.69 -15.38 26.99
CA GLN B 3 17.69 -14.51 27.63
C GLN B 3 19.06 -15.06 27.27
N ARG B 4 20.06 -14.20 27.30
CA ARG B 4 21.36 -14.42 26.65
C ARG B 4 22.40 -13.56 27.36
N THR B 5 23.26 -14.13 28.18
CA THR B 5 24.19 -13.32 29.00
C THR B 5 25.20 -12.65 28.08
N PRO B 6 25.50 -11.34 28.29
CA PRO B 6 26.46 -10.62 27.47
C PRO B 6 27.90 -11.13 27.59
N LYS B 7 28.56 -11.34 26.46
CA LYS B 7 30.03 -11.50 26.35
C LYS B 7 30.67 -10.11 26.36
N ILE B 8 31.83 -9.99 27.00
CA ILE B 8 32.52 -8.68 27.26
C ILE B 8 33.95 -8.79 26.76
N GLN B 9 34.38 -7.82 25.97
CA GLN B 9 35.81 -7.55 25.74
C GLN B 9 36.09 -6.08 26.09
N VAL B 10 37.19 -5.80 26.77
CA VAL B 10 37.65 -4.43 27.07
C VAL B 10 39.06 -4.30 26.50
N TYR B 11 39.34 -3.25 25.75
CA TYR B 11 40.52 -3.21 24.86
C TYR B 11 40.77 -1.76 24.39
N SER B 12 41.80 -1.56 23.59
CA SER B 12 42.30 -0.24 23.16
C SER B 12 42.31 -0.25 21.66
N ARG B 13 41.90 0.85 21.03
CA ARG B 13 41.81 0.95 19.57
C ARG B 13 43.17 0.57 18.98
N HIS B 14 44.26 0.98 19.64
CA HIS B 14 45.66 0.80 19.15
C HIS B 14 46.43 0.00 20.20
N PRO B 15 47.51 -0.72 19.79
CA PRO B 15 48.58 -1.06 20.72
C PRO B 15 48.84 0.15 21.62
N ALA B 16 48.63 -0.01 22.92
CA ALA B 16 48.76 1.04 23.95
C ALA B 16 50.23 1.37 24.16
N GLU B 17 50.61 2.63 23.97
CA GLU B 17 51.96 3.12 24.31
C GLU B 17 51.80 4.23 25.35
N ASN B 18 52.57 4.18 26.44
CA ASN B 18 52.36 5.05 27.63
C ASN B 18 52.53 6.51 27.21
N GLY B 19 51.48 7.32 27.39
CA GLY B 19 51.49 8.77 27.10
C GLY B 19 51.07 9.08 25.68
N LYS B 20 50.52 8.11 24.95
CA LYS B 20 49.99 8.29 23.56
C LYS B 20 48.45 8.41 23.60
N SER B 21 47.87 9.26 22.75
CA SER B 21 46.42 9.37 22.52
C SER B 21 45.88 8.04 22.00
N ASN B 22 44.84 7.53 22.65
CA ASN B 22 44.17 6.25 22.29
C ASN B 22 42.67 6.35 22.66
N PHE B 23 41.93 5.28 22.41
CA PHE B 23 40.51 5.13 22.79
C PHE B 23 40.36 3.84 23.55
N LEU B 24 39.57 3.86 24.61
CA LEU B 24 39.28 2.66 25.40
C LEU B 24 37.94 2.09 24.95
N ASN B 25 37.90 0.81 24.60
CA ASN B 25 36.71 0.12 24.09
C ASN B 25 36.21 -0.92 25.11
N CYS B 26 34.92 -0.88 25.36
CA CYS B 26 34.15 -1.98 25.93
C CYS B 26 33.09 -2.44 24.93
N TYR B 27 33.23 -3.68 24.47
CA TYR B 27 32.32 -4.35 23.52
C TYR B 27 31.54 -5.41 24.30
N VAL B 28 30.22 -5.29 24.32
CA VAL B 28 29.29 -6.26 24.96
C VAL B 28 28.42 -6.88 23.86
N SER B 29 28.60 -8.19 23.59
CA SER B 29 27.99 -8.94 22.46
C SER B 29 27.11 -10.08 22.96
N GLY B 30 26.21 -10.55 22.11
CA GLY B 30 25.46 -11.79 22.33
C GLY B 30 24.63 -11.77 23.60
N PHE B 31 23.88 -10.69 23.85
CA PHE B 31 22.90 -10.60 24.96
C PHE B 31 21.47 -10.33 24.46
N HIS B 32 20.50 -10.77 25.24
CA HIS B 32 19.05 -10.55 25.05
C HIS B 32 18.43 -10.61 26.44
N PRO B 33 17.52 -9.69 26.87
CA PRO B 33 17.07 -8.54 26.06
C PRO B 33 18.05 -7.38 25.93
N SER B 34 17.62 -6.28 25.29
CA SER B 34 18.49 -5.15 24.85
C SER B 34 18.89 -4.26 26.05
N ASP B 35 18.00 -4.04 27.02
CA ASP B 35 18.36 -3.31 28.26
C ASP B 35 19.69 -3.82 28.75
N ILE B 36 20.65 -2.92 28.87
CA ILE B 36 21.96 -3.18 29.52
C ILE B 36 22.44 -1.85 30.14
N GLU B 37 23.21 -1.91 31.24
CA GLU B 37 23.92 -0.76 31.85
C GLU B 37 25.41 -1.00 31.73
N VAL B 38 26.16 -0.03 31.25
CA VAL B 38 27.63 -0.15 31.03
C VAL B 38 28.32 1.13 31.46
N ASP B 39 29.46 0.99 32.17
CA ASP B 39 30.28 2.10 32.70
C ASP B 39 31.73 1.77 32.46
N LEU B 40 32.51 2.65 31.85
CA LEU B 40 33.97 2.49 31.86
C LEU B 40 34.51 3.14 33.14
N LEU B 41 35.47 2.49 33.78
CA LEU B 41 35.93 2.82 35.15
C LEU B 41 37.43 3.08 35.11
N LYS B 42 37.85 4.22 35.66
CA LYS B 42 39.27 4.62 35.87
C LYS B 42 39.63 4.26 37.30
N ASN B 43 40.52 3.27 37.43
CA ASN B 43 40.73 2.57 38.71
C ASN B 43 39.35 2.00 39.11
N GLY B 44 38.77 2.50 40.21
CA GLY B 44 37.41 2.16 40.66
C GLY B 44 36.40 3.27 40.38
N GLU B 45 36.85 4.48 40.01
CA GLU B 45 35.98 5.67 39.73
C GLU B 45 35.39 5.55 38.33
N ARG B 46 34.31 6.29 38.06
CA ARG B 46 33.48 6.14 36.83
C ARG B 46 33.71 7.32 35.88
N ILE B 47 34.14 7.03 34.64
CA ILE B 47 34.31 8.04 33.55
C ILE B 47 32.91 8.51 33.09
N GLU B 48 32.74 9.82 32.93
CA GLU B 48 31.43 10.48 32.76
C GLU B 48 31.27 10.97 31.30
N LYS B 49 32.29 10.78 30.45
CA LYS B 49 32.36 11.34 29.07
C LYS B 49 32.38 10.20 28.05
N VAL B 50 31.68 9.10 28.32
CA VAL B 50 31.68 7.88 27.44
C VAL B 50 30.57 8.03 26.40
N GLU B 51 30.78 7.48 25.21
CA GLU B 51 29.78 7.36 24.15
C GLU B 51 29.53 5.90 23.83
N HIS B 52 28.35 5.59 23.32
CA HIS B 52 28.02 4.22 22.86
C HIS B 52 27.53 4.23 21.40
N SER B 53 27.89 3.18 20.68
CA SER B 53 27.38 2.85 19.34
C SER B 53 25.84 2.67 19.38
N ASP B 54 25.19 2.91 18.23
CA ASP B 54 23.73 2.75 18.02
C ASP B 54 23.43 1.25 18.07
N LEU B 55 22.21 0.87 18.47
CA LEU B 55 21.92 -0.51 18.88
C LEU B 55 21.61 -1.39 17.66
N SER B 56 22.41 -2.46 17.48
CA SER B 56 22.32 -3.47 16.41
C SER B 56 22.28 -4.87 17.02
N PHE B 57 22.22 -5.91 16.19
CA PHE B 57 22.24 -7.33 16.58
C PHE B 57 22.85 -8.17 15.46
N SER B 58 23.15 -9.44 15.79
CA SER B 58 23.92 -10.41 14.96
C SER B 58 22.98 -11.47 14.37
N LYS B 59 23.47 -12.55 13.75
CA LYS B 59 22.59 -13.56 13.07
C LYS B 59 21.61 -14.22 14.07
N ASP B 60 22.07 -14.51 15.29
CA ASP B 60 21.28 -15.10 16.41
C ASP B 60 20.30 -14.09 17.03
N TRP B 61 20.08 -12.91 16.43
CA TRP B 61 19.19 -11.85 16.97
C TRP B 61 19.69 -11.25 18.30
N SER B 62 20.86 -11.67 18.78
CA SER B 62 21.42 -11.17 20.05
C SER B 62 22.02 -9.77 19.81
N PHE B 63 21.89 -8.87 20.76
CA PHE B 63 22.35 -7.46 20.64
C PHE B 63 23.84 -7.34 20.84
N TYR B 64 24.39 -6.23 20.35
CA TYR B 64 25.78 -5.80 20.59
C TYR B 64 25.86 -4.27 20.59
N LEU B 65 26.50 -3.72 21.62
CA LEU B 65 27.02 -2.33 21.71
C LEU B 65 28.55 -2.28 21.71
N LEU B 66 29.12 -1.19 21.21
CA LEU B 66 30.47 -0.73 21.55
C LEU B 66 30.33 0.50 22.44
N TYR B 67 31.09 0.53 23.54
CA TYR B 67 31.36 1.73 24.39
C TYR B 67 32.81 2.21 24.22
N TYR B 68 33.01 3.50 24.04
CA TYR B 68 34.36 4.09 23.86
C TYR B 68 34.47 5.39 24.67
N THR B 69 35.70 5.74 25.00
CA THR B 69 36.09 7.03 25.59
C THR B 69 37.53 7.28 25.17
N GLU B 70 37.89 8.53 24.87
CA GLU B 70 39.28 8.94 24.61
C GLU B 70 40.04 8.76 25.94
N PHE B 71 41.33 8.50 25.90
CA PHE B 71 42.18 8.37 27.11
C PHE B 71 43.66 8.30 26.71
N THR B 72 44.53 8.57 27.69
CA THR B 72 46.00 8.42 27.57
C THR B 72 46.50 7.43 28.63
N PRO B 73 46.89 6.20 28.25
CA PRO B 73 47.31 5.21 29.24
C PRO B 73 48.51 5.74 30.06
N THR B 74 48.56 5.44 31.38
CA THR B 74 49.76 5.59 32.26
C THR B 74 50.09 4.25 32.92
N GLU B 75 51.38 3.89 32.97
CA GLU B 75 51.92 2.58 33.46
C GLU B 75 51.26 2.20 34.79
N LYS B 76 51.02 3.18 35.69
CA LYS B 76 50.32 2.92 36.97
C LYS B 76 48.83 2.64 36.68
N ASP B 77 48.15 3.51 35.92
CA ASP B 77 46.66 3.59 35.78
C ASP B 77 46.02 2.23 35.47
N GLU B 78 44.91 1.89 36.16
CA GLU B 78 44.07 0.67 35.92
C GLU B 78 42.67 1.09 35.40
N TYR B 79 42.10 0.32 34.46
CA TYR B 79 40.93 0.71 33.61
C TYR B 79 39.96 -0.48 33.47
N ALA B 80 38.69 -0.29 33.83
CA ALA B 80 37.70 -1.39 33.98
C ALA B 80 36.46 -1.07 33.16
N CYS B 81 35.80 -2.10 32.63
CA CYS B 81 34.40 -2.03 32.14
C CYS B 81 33.53 -2.74 33.16
N ARG B 82 32.35 -2.18 33.44
CA ARG B 82 31.38 -2.74 34.41
C ARG B 82 30.02 -2.84 33.71
N VAL B 83 29.30 -3.96 33.91
CA VAL B 83 28.12 -4.34 33.09
C VAL B 83 27.06 -4.95 33.98
N ASN B 84 25.83 -4.44 33.87
CA ASN B 84 24.65 -5.00 34.58
C ASN B 84 23.54 -5.32 33.57
N HIS B 85 23.00 -6.52 33.68
CA HIS B 85 21.94 -7.09 32.80
C HIS B 85 20.93 -7.81 33.69
N VAL B 86 19.76 -8.13 33.12
CA VAL B 86 18.70 -8.93 33.81
C VAL B 86 19.19 -10.39 33.96
N THR B 87 20.06 -10.86 33.08
CA THR B 87 20.73 -12.18 33.22
C THR B 87 21.71 -12.19 34.40
N LEU B 88 22.30 -11.08 34.83
CA LEU B 88 23.39 -11.04 35.84
C LEU B 88 22.87 -10.64 37.21
N SER B 89 23.14 -11.42 38.26
CA SER B 89 22.64 -11.16 39.65
C SER B 89 23.50 -10.09 40.36
N GLN B 90 24.78 -9.93 40.00
CA GLN B 90 25.61 -8.75 40.40
C GLN B 90 26.33 -8.18 39.16
N PRO B 91 26.59 -6.86 39.11
CA PRO B 91 27.29 -6.29 37.97
C PRO B 91 28.68 -6.92 37.81
N LYS B 92 29.09 -7.17 36.57
CA LYS B 92 30.38 -7.84 36.21
C LYS B 92 31.44 -6.78 35.90
N ILE B 93 32.58 -6.79 36.57
CA ILE B 93 33.72 -5.88 36.26
C ILE B 93 34.75 -6.66 35.45
N VAL B 94 35.20 -6.10 34.32
CA VAL B 94 36.35 -6.66 33.55
C VAL B 94 37.47 -5.63 33.49
N LYS B 95 38.65 -6.00 34.00
CA LYS B 95 39.88 -5.17 33.99
C LYS B 95 40.41 -5.14 32.55
N TRP B 96 40.87 -3.96 32.09
CA TRP B 96 41.64 -3.82 30.82
C TRP B 96 43.01 -4.42 31.07
N ASP B 97 43.25 -5.59 30.50
CA ASP B 97 44.60 -6.16 30.32
C ASP B 97 45.16 -5.49 29.07
N ARG B 98 46.41 -4.99 29.10
CA ARG B 98 47.05 -4.30 27.94
C ARG B 98 47.22 -5.31 26.78
N ASP B 99 47.46 -6.58 27.11
CA ASP B 99 47.72 -7.67 26.12
C ASP B 99 46.43 -8.48 25.87
N MET B 100 45.43 -8.38 26.76
CA MET B 100 44.04 -8.96 26.64
C MET B 100 44.03 -10.51 26.73
N GLN C 1 18.01 2.42 0.68
CA GLN C 1 16.65 3.03 0.54
C GLN C 1 15.61 2.11 1.17
N LEU C 2 14.63 2.69 1.86
CA LEU C 2 13.64 1.94 2.64
C LEU C 2 12.42 1.61 1.78
N PRO C 3 11.61 0.64 2.27
CA PRO C 3 10.28 0.40 1.76
C PRO C 3 9.28 1.51 2.10
N ARG C 4 8.15 1.51 1.39
CA ARG C 4 7.03 2.38 1.70
C ARG C 4 5.86 1.59 2.30
N LEU C 5 5.94 0.28 2.40
CA LEU C 5 4.90 -0.49 3.11
C LEU C 5 5.50 -1.67 3.84
N PHE C 6 4.99 -1.90 5.06
CA PHE C 6 5.48 -2.92 6.00
C PHE C 6 4.32 -3.79 6.45
N PRO C 7 4.49 -5.12 6.45
CA PRO C 7 3.44 -6.04 6.87
C PRO C 7 3.05 -5.98 8.37
N LEU C 8 1.76 -6.21 8.60
CA LEU C 8 1.14 -6.41 9.91
C LEU C 8 1.12 -7.89 10.23
N LEU C 9 1.49 -8.27 11.44
CA LEU C 9 1.70 -9.69 11.85
C LEU C 9 0.37 -10.46 11.87
N GLY D 1 3.24 16.64 -5.59
CA GLY D 1 3.54 17.67 -6.64
C GLY D 1 2.73 17.43 -7.90
N GLU D 2 2.97 16.30 -8.59
CA GLU D 2 2.34 15.92 -9.90
C GLU D 2 1.39 14.73 -9.67
N ASP D 3 0.79 14.19 -10.73
CA ASP D 3 -0.47 13.40 -10.62
C ASP D 3 -0.40 12.25 -11.63
N VAL D 4 -1.28 11.26 -11.48
CA VAL D 4 -1.36 10.06 -12.38
C VAL D 4 -2.20 10.42 -13.61
N GLU D 5 -1.56 10.62 -14.77
CA GLU D 5 -2.23 11.18 -15.98
C GLU D 5 -2.80 10.03 -16.81
N GLN D 6 -4.10 10.06 -17.10
CA GLN D 6 -4.68 9.24 -18.20
C GLN D 6 -5.73 10.06 -18.98
N SER D 7 -6.19 9.53 -20.10
CA SER D 7 -7.13 10.19 -21.03
C SER D 7 -8.54 10.11 -20.46
N LEU D 8 -9.39 11.07 -20.76
CA LEU D 8 -10.70 11.24 -20.10
C LEU D 8 -11.72 10.30 -20.74
N PHE D 9 -11.48 9.96 -22.01
CA PHE D 9 -12.47 9.41 -22.98
C PHE D 9 -11.75 8.61 -24.08
N LEU D 10 -12.25 7.41 -24.37
CA LEU D 10 -11.78 6.55 -25.50
C LEU D 10 -12.98 5.85 -26.15
N SER D 11 -13.09 5.94 -27.49
CA SER D 11 -14.13 5.29 -28.32
C SER D 11 -13.50 4.16 -29.15
N VAL D 12 -14.24 3.07 -29.39
CA VAL D 12 -13.69 1.80 -29.95
C VAL D 12 -14.83 0.93 -30.54
N ARG D 13 -14.53 0.01 -31.46
CA ARG D 13 -15.59 -0.78 -32.15
C ARG D 13 -15.61 -2.20 -31.57
N GLU D 14 -16.78 -2.82 -31.46
CA GLU D 14 -16.92 -4.24 -31.03
C GLU D 14 -15.74 -5.00 -31.63
N GLY D 15 -15.00 -5.75 -30.85
CA GLY D 15 -13.98 -6.68 -31.38
C GLY D 15 -12.63 -5.99 -31.60
N ASP D 16 -12.55 -4.66 -31.57
CA ASP D 16 -11.26 -3.92 -31.57
C ASP D 16 -10.56 -4.15 -30.22
N SER D 17 -9.25 -3.83 -30.14
CA SER D 17 -8.45 -3.81 -28.89
C SER D 17 -8.50 -2.41 -28.31
N SER D 18 -9.12 -2.24 -27.15
CA SER D 18 -9.11 -1.00 -26.34
C SER D 18 -7.79 -0.91 -25.58
N VAL D 19 -7.15 0.25 -25.59
CA VAL D 19 -5.81 0.44 -24.98
C VAL D 19 -5.81 1.75 -24.22
N ILE D 20 -5.96 1.66 -22.91
CA ILE D 20 -5.82 2.77 -21.94
C ILE D 20 -4.38 2.79 -21.42
N ASN D 21 -3.58 3.78 -21.79
CA ASN D 21 -2.31 4.11 -21.10
C ASN D 21 -2.59 5.03 -19.92
N CYS D 22 -1.73 4.98 -18.89
CA CYS D 22 -1.46 6.12 -17.96
C CYS D 22 0.04 6.22 -17.64
N THR D 23 0.46 7.39 -17.17
CA THR D 23 1.81 7.67 -16.62
C THR D 23 1.64 8.03 -15.15
N TYR D 24 2.24 7.21 -14.29
CA TYR D 24 2.22 7.32 -12.81
C TYR D 24 3.42 8.16 -12.32
N THR D 25 3.56 8.33 -11.00
CA THR D 25 4.29 9.50 -10.42
C THR D 25 5.63 9.09 -9.81
N ASP D 26 5.80 7.84 -9.33
CA ASP D 26 7.03 7.41 -8.59
C ASP D 26 7.44 5.96 -8.91
N SER D 27 8.69 5.79 -9.32
CA SER D 27 9.32 4.49 -9.73
C SER D 27 9.24 3.47 -8.61
N SER D 28 9.34 3.96 -7.38
CA SER D 28 9.45 3.16 -6.15
C SER D 28 8.12 2.49 -5.87
N SER D 29 7.04 2.91 -6.53
CA SER D 29 5.71 2.25 -6.42
C SER D 29 5.80 0.81 -6.94
N THR D 30 5.45 -0.16 -6.10
CA THR D 30 5.76 -1.60 -6.29
C THR D 30 4.56 -2.28 -6.95
N TYR D 31 3.48 -1.57 -7.08
CA TYR D 31 2.22 -2.15 -7.55
C TYR D 31 1.35 -1.02 -8.18
N LEU D 32 0.55 -1.36 -9.16
CA LEU D 32 -0.27 -0.38 -9.92
C LEU D 32 -1.55 -1.08 -10.27
N TYR D 33 -2.70 -0.45 -10.00
CA TYR D 33 -4.05 -1.07 -10.20
C TYR D 33 -4.79 -0.50 -11.41
N TRP D 34 -5.71 -1.27 -11.96
CA TRP D 34 -6.84 -0.80 -12.77
C TRP D 34 -8.12 -1.12 -12.03
N TYR D 35 -8.96 -0.14 -11.77
CA TYR D 35 -10.27 -0.36 -11.15
C TYR D 35 -11.29 0.01 -12.22
N LYS D 36 -12.53 -0.42 -12.02
CA LYS D 36 -13.60 -0.23 -13.03
C LYS D 36 -14.86 0.29 -12.32
N GLN D 37 -15.51 1.27 -12.91
CA GLN D 37 -16.80 1.75 -12.40
C GLN D 37 -17.81 1.66 -13.55
N GLU D 38 -18.86 0.86 -13.36
CA GLU D 38 -20.05 0.86 -14.25
C GLU D 38 -21.05 1.93 -13.79
N PRO D 39 -22.08 2.25 -14.61
CA PRO D 39 -23.11 3.19 -14.21
C PRO D 39 -23.73 2.68 -12.92
N GLY D 40 -23.72 3.51 -11.88
CA GLY D 40 -24.06 3.11 -10.50
C GLY D 40 -23.00 3.60 -9.56
N ALA D 41 -22.61 2.76 -8.58
CA ALA D 41 -21.92 3.17 -7.34
C ALA D 41 -20.70 2.28 -7.06
N GLY D 42 -20.59 1.07 -7.66
CA GLY D 42 -19.65 0.01 -7.24
C GLY D 42 -18.31 0.15 -7.94
N LEU D 43 -17.24 0.48 -7.22
CA LEU D 43 -15.86 0.55 -7.78
C LEU D 43 -15.16 -0.81 -7.53
N GLN D 44 -14.80 -1.49 -8.62
CA GLN D 44 -14.43 -2.93 -8.65
C GLN D 44 -12.99 -3.07 -9.14
N LEU D 45 -12.14 -3.71 -8.36
CA LEU D 45 -10.72 -3.94 -8.70
C LEU D 45 -10.67 -4.77 -9.96
N LEU D 46 -9.86 -4.43 -10.95
CA LEU D 46 -9.84 -5.19 -12.22
C LEU D 46 -8.64 -6.10 -12.25
N THR D 47 -7.47 -5.55 -11.98
CA THR D 47 -6.16 -6.22 -12.17
C THR D 47 -5.07 -5.27 -11.68
N TYR D 48 -3.91 -5.79 -11.34
CA TYR D 48 -2.73 -4.99 -10.98
C TYR D 48 -1.50 -5.72 -11.41
N ILE D 49 -0.44 -4.99 -11.67
CA ILE D 49 0.90 -5.55 -11.97
C ILE D 49 1.86 -5.12 -10.85
N PHE D 50 2.86 -5.95 -10.56
CA PHE D 50 4.02 -5.62 -9.69
C PHE D 50 5.17 -4.98 -10.50
N SER D 51 5.93 -4.06 -9.89
CA SER D 51 6.91 -3.17 -10.59
C SER D 51 8.05 -3.99 -11.18
N ASN D 52 8.19 -5.25 -10.72
CA ASN D 52 9.22 -6.22 -11.20
C ASN D 52 8.67 -7.09 -12.33
N MET D 53 7.56 -6.72 -12.97
CA MET D 53 6.93 -7.46 -14.08
C MET D 53 6.79 -6.56 -15.32
N ASP D 54 7.06 -7.08 -16.51
CA ASP D 54 6.77 -6.43 -17.80
C ASP D 54 5.29 -6.50 -18.14
N MET D 55 4.78 -7.73 -18.17
CA MET D 55 3.47 -8.10 -18.73
C MET D 55 2.64 -8.83 -17.66
N LYS D 56 1.31 -8.84 -17.78
CA LYS D 56 0.41 -9.70 -16.99
C LYS D 56 -0.88 -9.93 -17.76
N GLN D 57 -1.13 -11.16 -18.20
CA GLN D 57 -2.34 -11.56 -18.96
C GLN D 57 -3.38 -12.15 -18.00
N ASP D 58 -4.66 -11.99 -18.33
CA ASP D 58 -5.83 -12.33 -17.48
C ASP D 58 -7.08 -12.39 -18.38
N GLN D 59 -7.36 -13.55 -18.98
CA GLN D 59 -8.47 -13.74 -19.96
C GLN D 59 -8.32 -12.74 -21.12
N ARG D 60 -9.27 -11.80 -21.27
CA ARG D 60 -9.29 -10.81 -22.38
C ARG D 60 -8.40 -9.62 -22.01
N LEU D 61 -8.16 -9.40 -20.70
CA LEU D 61 -7.26 -8.35 -20.18
C LEU D 61 -5.79 -8.74 -20.38
N THR D 62 -4.95 -7.76 -20.71
CA THR D 62 -3.46 -7.79 -20.65
C THR D 62 -2.97 -6.50 -20.02
N VAL D 63 -1.91 -6.53 -19.20
CA VAL D 63 -1.32 -5.32 -18.59
C VAL D 63 0.16 -5.28 -18.88
N LEU D 64 0.64 -4.14 -19.42
CA LEU D 64 2.07 -3.85 -19.71
C LEU D 64 2.53 -2.70 -18.81
N LEU D 65 3.75 -2.81 -18.28
CA LEU D 65 4.39 -1.75 -17.47
C LEU D 65 5.81 -1.52 -17.93
N ASN D 66 6.22 -0.26 -18.02
CA ASN D 66 7.61 0.16 -18.24
C ASN D 66 8.01 1.10 -17.12
N LYS D 67 8.63 0.55 -16.10
CA LYS D 67 9.00 1.25 -14.85
C LYS D 67 9.86 2.46 -15.20
N LYS D 68 10.68 2.35 -16.25
CA LYS D 68 11.68 3.40 -16.59
C LYS D 68 10.93 4.65 -16.99
N ASP D 69 9.83 4.50 -17.73
CA ASP D 69 9.03 5.63 -18.25
C ASP D 69 7.87 5.89 -17.28
N LYS D 70 7.76 5.12 -16.21
CA LYS D 70 6.54 5.13 -15.37
C LYS D 70 5.33 5.11 -16.29
N HIS D 71 5.30 4.19 -17.23
CA HIS D 71 4.20 4.02 -18.19
C HIS D 71 3.54 2.67 -17.94
N LEU D 72 2.23 2.70 -17.77
CA LEU D 72 1.33 1.56 -17.52
C LEU D 72 0.24 1.59 -18.58
N SER D 73 -0.15 0.44 -19.16
CA SER D 73 -1.23 0.33 -20.17
C SER D 73 -2.07 -0.92 -19.92
N LEU D 74 -3.40 -0.78 -20.01
CA LEU D 74 -4.41 -1.89 -19.97
C LEU D 74 -4.91 -2.17 -21.40
N ARG D 75 -5.03 -3.44 -21.76
CA ARG D 75 -5.43 -3.86 -23.13
C ARG D 75 -6.52 -4.96 -23.05
N ILE D 76 -7.54 -4.86 -23.91
CA ILE D 76 -8.78 -5.69 -23.93
C ILE D 76 -8.98 -6.22 -25.36
N ALA D 77 -8.84 -7.51 -25.60
CA ALA D 77 -8.40 -8.01 -26.92
C ALA D 77 -9.59 -8.05 -27.93
N ASP D 78 -10.64 -8.80 -27.62
CA ASP D 78 -11.99 -8.64 -28.21
C ASP D 78 -12.66 -7.62 -27.32
N THR D 79 -13.44 -6.68 -27.83
CA THR D 79 -14.12 -5.68 -26.95
C THR D 79 -15.61 -5.83 -27.14
N GLN D 80 -16.37 -5.90 -26.05
CA GLN D 80 -17.84 -6.09 -26.10
C GLN D 80 -18.50 -4.78 -25.72
N THR D 81 -19.78 -4.57 -25.98
CA THR D 81 -20.47 -3.34 -25.54
C THR D 81 -20.61 -3.36 -24.00
N GLY D 82 -20.56 -4.52 -23.37
CA GLY D 82 -20.54 -4.66 -21.92
C GLY D 82 -19.26 -4.09 -21.30
N ASP D 83 -18.19 -3.99 -22.08
CA ASP D 83 -16.90 -3.56 -21.48
C ASP D 83 -16.97 -2.06 -21.24
N SER D 84 -18.03 -1.40 -21.71
CA SER D 84 -18.19 0.07 -21.57
C SER D 84 -18.34 0.43 -20.09
N ALA D 85 -17.53 1.38 -19.64
CA ALA D 85 -17.39 1.75 -18.21
C ALA D 85 -16.24 2.77 -18.04
N ILE D 86 -16.01 3.29 -16.83
CA ILE D 86 -14.84 4.15 -16.54
C ILE D 86 -13.71 3.28 -15.97
N TYR D 87 -12.49 3.46 -16.46
CA TYR D 87 -11.31 2.65 -16.11
C TYR D 87 -10.29 3.57 -15.46
N PHE D 88 -10.02 3.37 -14.17
CA PHE D 88 -9.09 4.19 -13.37
C PHE D 88 -7.78 3.44 -13.15
N CYS D 89 -6.63 4.06 -13.44
CA CYS D 89 -5.32 3.56 -13.00
C CYS D 89 -5.00 4.24 -11.68
N ALA D 90 -4.41 3.49 -10.76
CA ALA D 90 -4.23 3.84 -9.31
C ALA D 90 -2.87 3.36 -8.81
N GLU D 91 -2.15 4.29 -8.18
CA GLU D 91 -0.76 4.18 -7.69
C GLU D 91 -0.75 4.41 -6.18
N PRO D 92 0.03 3.61 -5.41
CA PRO D 92 0.30 3.90 -4.01
C PRO D 92 0.99 5.26 -3.87
N SER D 93 0.78 5.89 -2.73
CA SER D 93 1.31 7.23 -2.42
C SER D 93 1.73 7.25 -0.97
N GLY D 94 3.01 7.40 -0.74
CA GLY D 94 3.60 7.46 0.60
C GLY D 94 3.62 6.12 1.29
N ASN D 95 3.54 6.18 2.60
CA ASN D 95 4.09 5.14 3.48
C ASN D 95 2.91 4.35 4.04
N THR D 96 1.72 4.93 3.98
CA THR D 96 0.44 4.20 4.00
C THR D 96 0.28 3.40 2.70
N GLY D 97 -0.80 2.66 2.56
CA GLY D 97 -1.08 1.95 1.30
C GLY D 97 -2.01 2.74 0.41
N LYS D 98 -2.06 4.05 0.65
CA LYS D 98 -3.15 4.94 0.22
C LYS D 98 -2.94 5.16 -1.26
N LEU D 99 -4.01 5.29 -2.01
CA LEU D 99 -3.95 5.33 -3.50
C LEU D 99 -4.22 6.76 -3.98
N ILE D 100 -3.48 7.21 -5.01
CA ILE D 100 -3.94 8.34 -5.88
C ILE D 100 -4.42 7.72 -7.19
N PHE D 101 -5.56 8.19 -7.69
CA PHE D 101 -6.26 7.71 -8.91
C PHE D 101 -6.10 8.71 -10.07
N GLY D 102 -6.07 8.20 -11.31
CA GLY D 102 -6.25 8.99 -12.54
C GLY D 102 -7.65 9.53 -12.58
N GLN D 103 -7.98 10.35 -13.59
CA GLN D 103 -9.32 11.01 -13.72
C GLN D 103 -10.31 10.03 -14.35
N GLY D 104 -9.81 8.95 -14.89
CA GLY D 104 -10.61 7.82 -15.37
C GLY D 104 -10.92 7.97 -16.83
N THR D 105 -10.67 6.91 -17.60
CA THR D 105 -10.96 6.83 -19.05
C THR D 105 -12.31 6.16 -19.25
N THR D 106 -13.25 6.88 -19.89
CA THR D 106 -14.56 6.34 -20.31
C THR D 106 -14.35 5.59 -21.62
N LEU D 107 -14.74 4.32 -21.63
CA LEU D 107 -14.74 3.44 -22.82
C LEU D 107 -16.14 3.40 -23.43
N GLN D 108 -16.39 4.23 -24.44
CA GLN D 108 -17.55 4.11 -25.36
C GLN D 108 -17.19 3.02 -26.38
N VAL D 109 -17.95 1.91 -26.44
CA VAL D 109 -17.77 0.85 -27.47
C VAL D 109 -18.91 0.90 -28.47
N LYS D 110 -18.59 1.08 -29.75
CA LYS D 110 -19.60 1.31 -30.84
C LYS D 110 -20.07 -0.03 -31.43
N PRO D 111 -21.39 -0.28 -31.57
CA PRO D 111 -21.85 -1.44 -32.31
C PRO D 111 -21.39 -1.40 -33.78
N ILE D 112 -21.12 -2.55 -34.39
CA ILE D 112 -20.77 -2.65 -35.84
C ILE D 112 -22.04 -3.00 -36.68
N GLN D 113 -23.20 -3.11 -36.04
CA GLN D 113 -24.47 -3.51 -36.72
C GLN D 113 -24.77 -2.49 -37.81
N ASN D 114 -25.25 -2.96 -38.95
CA ASN D 114 -25.53 -2.16 -40.17
C ASN D 114 -26.60 -1.12 -39.85
N PRO D 115 -26.34 0.20 -39.99
CA PRO D 115 -27.32 1.22 -39.59
C PRO D 115 -28.66 1.06 -40.34
N ASP D 116 -29.77 1.55 -39.79
CA ASP D 116 -31.11 1.63 -40.46
C ASP D 116 -31.89 2.80 -39.86
N PRO D 117 -31.45 4.05 -40.07
CA PRO D 117 -31.90 5.17 -39.24
C PRO D 117 -33.40 5.45 -39.38
N ALA D 118 -34.05 5.85 -38.29
CA ALA D 118 -35.51 6.11 -38.20
C ALA D 118 -35.83 6.97 -36.97
N VAL D 119 -36.87 7.79 -37.07
CA VAL D 119 -37.50 8.49 -35.91
C VAL D 119 -38.95 7.97 -35.79
N TYR D 120 -39.47 7.78 -34.59
CA TYR D 120 -40.86 7.32 -34.39
C TYR D 120 -41.51 8.15 -33.29
N GLN D 121 -42.82 8.14 -33.24
CA GLN D 121 -43.61 8.77 -32.16
C GLN D 121 -44.28 7.67 -31.35
N LEU D 122 -44.14 7.70 -30.03
CA LEU D 122 -44.81 6.75 -29.12
C LEU D 122 -45.90 7.48 -28.34
N ARG D 123 -47.01 6.83 -28.02
CA ARG D 123 -48.11 7.44 -27.24
C ARG D 123 -48.07 6.89 -25.79
N ASP D 124 -48.49 7.68 -24.80
CA ASP D 124 -48.51 7.24 -23.37
C ASP D 124 -49.58 6.14 -23.24
N SER D 125 -49.25 5.07 -22.53
CA SER D 125 -50.15 3.92 -22.28
C SER D 125 -51.45 4.42 -21.62
N LYS D 126 -51.39 5.48 -20.80
CA LYS D 126 -52.55 6.00 -20.02
C LYS D 126 -53.20 7.21 -20.71
N SER D 127 -52.39 8.12 -21.28
CA SER D 127 -52.88 9.37 -21.92
C SER D 127 -52.44 9.39 -23.39
N SER D 128 -53.36 9.26 -24.36
CA SER D 128 -53.02 9.33 -25.81
C SER D 128 -52.32 10.67 -26.12
N ASP D 129 -52.72 11.70 -25.36
CA ASP D 129 -52.24 13.12 -25.36
C ASP D 129 -50.70 13.21 -25.34
N LYS D 130 -50.05 12.56 -24.37
CA LYS D 130 -48.59 12.64 -24.11
C LYS D 130 -47.86 11.78 -25.14
N SER D 131 -46.73 12.26 -25.70
CA SER D 131 -45.92 11.50 -26.69
C SER D 131 -44.40 11.70 -26.47
N VAL D 132 -43.60 10.70 -26.86
CA VAL D 132 -42.12 10.82 -26.97
C VAL D 132 -41.70 10.48 -28.39
N CYS D 133 -40.69 11.16 -28.89
CA CYS D 133 -39.99 10.81 -30.12
C CYS D 133 -38.82 9.92 -29.75
N LEU D 134 -38.65 8.82 -30.51
CA LEU D 134 -37.49 7.91 -30.46
C LEU D 134 -36.69 8.01 -31.76
N PHE D 135 -35.36 8.02 -31.67
CA PHE D 135 -34.42 7.99 -32.84
C PHE D 135 -33.45 6.80 -32.70
N THR D 136 -33.61 5.78 -33.53
CA THR D 136 -33.02 4.43 -33.28
C THR D 136 -32.41 3.90 -34.57
N ASP D 137 -31.52 2.93 -34.41
CA ASP D 137 -30.92 2.08 -35.47
C ASP D 137 -30.03 2.98 -36.31
N PHE D 138 -29.65 4.11 -35.73
CA PHE D 138 -28.75 5.11 -36.34
C PHE D 138 -27.31 4.64 -36.16
N ASP D 139 -26.47 5.15 -37.05
CA ASP D 139 -25.01 4.92 -37.11
C ASP D 139 -24.37 5.34 -35.79
N SER D 140 -23.23 4.75 -35.48
CA SER D 140 -22.46 5.00 -34.25
C SER D 140 -21.64 6.29 -34.44
N GLN D 141 -21.22 6.58 -35.66
CA GLN D 141 -20.52 7.86 -35.97
C GLN D 141 -21.46 9.04 -35.75
N THR D 142 -22.77 8.81 -35.85
CA THR D 142 -23.83 9.81 -35.53
C THR D 142 -23.81 10.09 -34.05
N ASN D 143 -23.93 11.35 -33.67
CA ASN D 143 -24.01 11.76 -32.26
C ASN D 143 -25.17 12.74 -32.05
N VAL D 144 -25.98 12.47 -31.03
CA VAL D 144 -27.10 13.32 -30.56
C VAL D 144 -26.56 14.29 -29.50
N SER D 145 -26.39 15.58 -29.86
CA SER D 145 -26.29 16.73 -28.91
C SER D 145 -27.69 17.07 -28.38
N GLN D 146 -27.78 17.88 -27.32
CA GLN D 146 -29.07 18.36 -26.72
C GLN D 146 -29.66 19.48 -27.61
N SER D 147 -30.80 20.04 -27.18
CA SER D 147 -31.71 20.85 -28.00
C SER D 147 -31.10 22.24 -28.23
N LYS D 148 -31.71 23.02 -29.11
CA LYS D 148 -31.50 24.49 -29.20
C LYS D 148 -32.57 25.19 -28.35
N ASP D 149 -33.84 24.76 -28.51
CA ASP D 149 -34.98 25.15 -27.64
C ASP D 149 -34.67 24.66 -26.22
N SER D 150 -35.34 25.22 -25.21
CA SER D 150 -35.11 24.96 -23.76
C SER D 150 -36.31 24.24 -23.15
N ASP D 151 -37.41 24.13 -23.90
CA ASP D 151 -38.68 23.48 -23.50
C ASP D 151 -38.67 22.02 -23.99
N VAL D 152 -37.65 21.66 -24.77
CA VAL D 152 -37.46 20.36 -25.50
C VAL D 152 -36.25 19.62 -24.88
N TYR D 153 -36.42 18.38 -24.44
CA TYR D 153 -35.33 17.56 -23.87
C TYR D 153 -34.96 16.42 -24.82
N ILE D 154 -33.69 16.31 -25.13
CA ILE D 154 -33.09 15.19 -25.89
C ILE D 154 -32.12 14.42 -24.99
N THR D 155 -32.23 13.11 -24.97
CA THR D 155 -31.38 12.19 -24.19
C THR D 155 -30.12 11.88 -25.01
N ASP D 156 -29.28 10.97 -24.52
CA ASP D 156 -27.99 10.65 -25.18
C ASP D 156 -28.06 9.27 -25.80
N LYS D 157 -27.32 9.14 -26.91
CA LYS D 157 -27.04 7.87 -27.63
C LYS D 157 -26.70 6.83 -26.58
N CYS D 158 -27.35 5.68 -26.64
CA CYS D 158 -27.45 4.67 -25.57
C CYS D 158 -27.59 3.33 -26.29
N VAL D 159 -26.68 2.40 -26.01
CA VAL D 159 -26.55 1.11 -26.76
C VAL D 159 -27.40 0.02 -26.11
N LEU D 160 -28.19 -0.63 -26.92
CA LEU D 160 -29.15 -1.66 -26.47
C LEU D 160 -28.78 -2.96 -27.16
N ASP D 161 -28.62 -4.04 -26.39
CA ASP D 161 -28.31 -5.40 -26.86
C ASP D 161 -29.51 -6.32 -26.60
N MET D 162 -30.15 -6.84 -27.65
CA MET D 162 -31.10 -7.99 -27.62
C MET D 162 -30.32 -9.28 -27.92
N ARG D 163 -30.06 -10.07 -26.91
CA ARG D 163 -28.98 -11.07 -26.94
C ARG D 163 -29.51 -12.34 -27.64
N SER D 164 -30.84 -12.51 -27.71
CA SER D 164 -31.47 -13.67 -28.40
C SER D 164 -31.19 -13.55 -29.90
N MET D 165 -31.11 -12.32 -30.45
CA MET D 165 -30.98 -11.98 -31.90
C MET D 165 -29.58 -11.42 -32.26
N ASP D 166 -28.61 -11.47 -31.35
CA ASP D 166 -27.25 -10.89 -31.54
C ASP D 166 -27.28 -9.46 -32.07
N PHE D 167 -28.27 -8.66 -31.67
CA PHE D 167 -28.59 -7.35 -32.27
C PHE D 167 -28.24 -6.21 -31.29
N LYS D 168 -27.60 -5.15 -31.81
CA LYS D 168 -27.30 -3.89 -31.07
C LYS D 168 -27.88 -2.69 -31.82
N SER D 169 -28.29 -1.65 -31.10
CA SER D 169 -28.84 -0.41 -31.70
C SER D 169 -28.57 0.80 -30.79
N ASN D 170 -27.84 1.80 -31.30
CA ASN D 170 -27.88 3.17 -30.72
C ASN D 170 -29.33 3.65 -30.75
N SER D 171 -29.72 4.42 -29.78
CA SER D 171 -31.08 4.98 -29.70
C SER D 171 -31.01 6.22 -28.81
N ALA D 172 -31.81 7.23 -29.12
CA ALA D 172 -31.99 8.43 -28.28
C ALA D 172 -33.47 8.78 -28.20
N VAL D 173 -33.86 9.53 -27.17
CA VAL D 173 -35.27 9.91 -26.90
C VAL D 173 -35.32 11.45 -26.81
N ALA D 174 -36.45 12.05 -27.15
CA ALA D 174 -36.67 13.50 -27.03
C ALA D 174 -38.13 13.73 -26.66
N TRP D 175 -38.45 14.82 -25.95
CA TRP D 175 -39.87 15.12 -25.60
C TRP D 175 -40.03 16.62 -25.34
N SER D 176 -41.27 17.08 -25.19
CA SER D 176 -41.63 18.50 -24.96
C SER D 176 -43.09 18.58 -24.55
N ASN D 177 -43.47 19.63 -23.85
CA ASN D 177 -44.88 19.97 -23.54
C ASN D 177 -45.38 21.06 -24.49
N LYS D 178 -44.51 21.61 -25.34
CA LYS D 178 -44.87 22.59 -26.40
C LYS D 178 -46.01 22.04 -27.28
N SER D 179 -46.97 22.91 -27.66
CA SER D 179 -48.13 22.61 -28.54
C SER D 179 -47.64 22.23 -29.94
N ASP D 180 -46.54 22.85 -30.40
CA ASP D 180 -46.03 22.79 -31.80
C ASP D 180 -45.00 21.66 -31.98
N PHE D 181 -44.62 20.95 -30.90
CA PHE D 181 -43.48 20.00 -30.92
C PHE D 181 -43.73 18.93 -32.00
N ALA D 182 -42.69 18.65 -32.80
CA ALA D 182 -42.76 17.82 -34.03
C ALA D 182 -41.60 16.82 -34.05
N CYS D 183 -41.88 15.53 -34.26
CA CYS D 183 -40.88 14.45 -34.12
C CYS D 183 -39.84 14.56 -35.24
N ALA D 184 -40.29 14.80 -36.47
CA ALA D 184 -39.44 15.04 -37.66
C ALA D 184 -38.37 16.08 -37.32
N ASN D 185 -38.82 17.24 -36.82
CA ASN D 185 -37.99 18.42 -36.47
C ASN D 185 -37.67 18.42 -34.98
N ALA D 186 -36.94 17.41 -34.49
CA ALA D 186 -36.47 17.33 -33.09
C ALA D 186 -34.96 17.10 -33.08
N PHE D 187 -34.54 15.99 -33.71
CA PHE D 187 -33.14 15.48 -33.79
C PHE D 187 -32.40 16.03 -35.02
N ASN D 188 -33.13 16.47 -36.06
CA ASN D 188 -32.63 16.64 -37.46
C ASN D 188 -31.41 17.59 -37.50
N ASN D 189 -31.39 18.61 -36.63
CA ASN D 189 -30.29 19.62 -36.48
C ASN D 189 -29.41 19.26 -35.25
N SER D 190 -29.68 18.13 -34.59
CA SER D 190 -28.90 17.60 -33.44
C SER D 190 -28.04 16.40 -33.90
N ILE D 191 -27.97 16.12 -35.22
CA ILE D 191 -27.12 15.05 -35.81
C ILE D 191 -25.72 15.63 -36.07
N ILE D 192 -24.71 15.12 -35.35
CA ILE D 192 -23.31 15.69 -35.26
C ILE D 192 -22.28 14.55 -35.46
N PRO D 193 -21.01 14.87 -35.83
CA PRO D 193 -19.95 13.86 -36.01
C PRO D 193 -19.45 13.27 -34.67
N GLU D 194 -18.64 12.20 -34.73
CA GLU D 194 -18.13 11.45 -33.54
C GLU D 194 -17.08 12.29 -32.81
N THR E 1 -19.40 -11.62 1.49
CA THR E 1 -18.14 -10.81 1.73
C THR E 1 -18.24 -9.50 0.90
N GLY E 2 -17.13 -8.78 0.73
CA GLY E 2 -17.14 -7.37 0.30
C GLY E 2 -17.47 -6.43 1.45
N VAL E 3 -16.84 -5.25 1.42
CA VAL E 3 -17.07 -4.08 2.31
C VAL E 3 -18.55 -3.67 2.29
N SER E 4 -19.14 -3.28 3.43
CA SER E 4 -20.52 -2.72 3.55
C SER E 4 -20.44 -1.23 3.87
N GLN E 5 -21.55 -0.48 3.69
CA GLN E 5 -21.63 0.99 3.92
C GLN E 5 -23.08 1.44 4.17
N ASP E 6 -23.38 1.98 5.37
CA ASP E 6 -24.65 2.69 5.70
C ASP E 6 -24.49 4.20 5.64
N PRO E 7 -25.57 4.91 5.19
CA PRO E 7 -26.60 4.30 4.36
C PRO E 7 -26.13 4.52 2.92
N ARG E 8 -26.75 3.91 1.92
CA ARG E 8 -26.20 4.00 0.55
C ARG E 8 -26.62 5.33 -0.08
N HIS E 9 -27.61 6.00 0.47
CA HIS E 9 -28.04 7.34 0.04
C HIS E 9 -28.35 8.21 1.27
N LYS E 10 -28.07 9.51 1.20
CA LYS E 10 -28.34 10.48 2.31
C LYS E 10 -28.76 11.86 1.73
N ILE E 11 -29.88 12.41 2.23
CA ILE E 11 -30.30 13.80 1.94
C ILE E 11 -30.37 14.56 3.24
N THR E 12 -29.59 15.63 3.34
CA THR E 12 -29.49 16.52 4.51
C THR E 12 -29.93 17.93 4.08
N LYS E 13 -30.50 18.68 5.02
CA LYS E 13 -30.55 20.16 4.98
C LYS E 13 -29.11 20.70 5.10
N ARG E 14 -28.81 21.80 4.38
CA ARG E 14 -27.50 22.50 4.45
C ARG E 14 -27.26 22.98 5.88
N GLY E 15 -26.26 22.40 6.54
CA GLY E 15 -25.81 22.85 7.86
C GLY E 15 -26.22 21.90 8.96
N GLN E 16 -27.04 20.90 8.67
CA GLN E 16 -27.19 19.73 9.59
C GLN E 16 -25.95 18.87 9.50
N ASN E 17 -25.84 17.87 10.37
CA ASN E 17 -24.65 16.98 10.44
C ASN E 17 -25.03 15.62 9.93
N VAL E 18 -24.06 14.81 9.54
CA VAL E 18 -24.33 13.49 8.92
C VAL E 18 -23.18 12.53 9.21
N THR E 19 -23.52 11.31 9.59
CA THR E 19 -22.58 10.20 9.95
C THR E 19 -22.83 9.02 9.00
N PHE E 20 -21.79 8.59 8.28
CA PHE E 20 -21.80 7.36 7.46
C PHE E 20 -21.11 6.25 8.22
N ARG E 21 -21.64 5.03 8.09
CA ARG E 21 -20.95 3.82 8.59
C ARG E 21 -20.30 3.07 7.43
N CYS E 22 -19.25 2.32 7.76
CA CYS E 22 -18.56 1.38 6.84
C CYS E 22 -18.03 0.18 7.61
N ASP E 23 -18.48 -1.03 7.31
CA ASP E 23 -17.92 -2.29 7.89
C ASP E 23 -16.98 -2.91 6.84
N PRO E 24 -15.64 -2.99 7.08
CA PRO E 24 -14.71 -3.58 6.10
C PRO E 24 -14.75 -5.11 6.16
N ILE E 25 -13.99 -5.80 5.31
CA ILE E 25 -13.97 -7.29 5.22
C ILE E 25 -13.25 -7.83 6.45
N SER E 26 -13.76 -8.91 7.06
CA SER E 26 -13.21 -9.51 8.30
C SER E 26 -11.70 -9.55 8.24
N GLU E 27 -11.03 -9.17 9.32
CA GLU E 27 -9.56 -9.40 9.54
C GLU E 27 -8.73 -8.45 8.67
N HIS E 28 -9.29 -7.33 8.23
CA HIS E 28 -8.59 -6.35 7.36
C HIS E 28 -8.13 -5.17 8.22
N ASN E 29 -6.82 -5.09 8.51
CA ASN E 29 -6.27 -4.09 9.48
C ASN E 29 -6.26 -2.66 8.91
N ARG E 30 -6.18 -2.51 7.60
CA ARG E 30 -6.08 -1.17 6.97
C ARG E 30 -7.46 -0.81 6.39
N LEU E 31 -7.92 0.42 6.66
CA LEU E 31 -9.19 1.02 6.17
C LEU E 31 -8.90 2.42 5.64
N TYR E 32 -9.41 2.75 4.45
CA TYR E 32 -9.25 4.07 3.79
C TYR E 32 -10.65 4.60 3.43
N TRP E 33 -10.93 5.86 3.72
CA TRP E 33 -12.06 6.63 3.13
C TRP E 33 -11.54 7.44 1.94
N TYR E 34 -12.28 7.44 0.83
CA TYR E 34 -12.13 8.45 -0.26
C TYR E 34 -13.46 9.18 -0.47
N ARG E 35 -13.43 10.35 -1.07
CA ARG E 35 -14.62 10.90 -1.73
C ARG E 35 -14.38 10.96 -3.25
N GLN E 36 -15.46 10.89 -4.01
CA GLN E 36 -15.41 11.01 -5.46
C GLN E 36 -16.61 11.82 -5.89
N THR E 37 -16.43 12.89 -6.64
CA THR E 37 -17.53 13.59 -7.31
C THR E 37 -17.62 12.99 -8.71
N LEU E 38 -18.83 12.77 -9.21
CA LEU E 38 -19.07 12.19 -10.55
C LEU E 38 -18.15 12.92 -11.53
N GLY E 39 -17.61 12.16 -12.50
CA GLY E 39 -16.76 12.66 -13.59
C GLY E 39 -15.29 12.55 -13.23
N GLN E 40 -15.00 12.28 -11.96
CA GLN E 40 -13.63 12.38 -11.41
C GLN E 40 -13.22 11.00 -10.90
N GLY E 41 -11.94 10.85 -10.51
CA GLY E 41 -11.44 9.71 -9.72
C GLY E 41 -11.37 10.04 -8.23
N PRO E 42 -11.42 9.05 -7.34
CA PRO E 42 -11.55 9.30 -5.90
C PRO E 42 -10.37 10.04 -5.26
N GLU E 43 -10.62 10.98 -4.35
CA GLU E 43 -9.56 11.65 -3.55
C GLU E 43 -9.50 11.02 -2.15
N PHE E 44 -8.31 10.69 -1.65
CA PHE E 44 -8.07 10.18 -0.28
C PHE E 44 -8.49 11.19 0.78
N LEU E 45 -9.19 10.69 1.80
CA LEU E 45 -9.67 11.44 2.99
C LEU E 45 -8.78 11.10 4.19
N THR E 46 -8.95 9.89 4.76
CA THR E 46 -8.24 9.42 5.99
C THR E 46 -7.97 7.92 5.91
N TYR E 47 -7.00 7.45 6.72
CA TYR E 47 -6.44 6.05 6.79
C TYR E 47 -6.41 5.57 8.25
N PHE E 48 -6.76 4.33 8.48
CA PHE E 48 -6.75 3.70 9.84
C PHE E 48 -5.87 2.45 9.79
N GLN E 49 -4.97 2.29 10.77
CA GLN E 49 -4.24 1.02 11.01
C GLN E 49 -4.69 0.47 12.36
N ASN E 50 -5.65 -0.45 12.28
CA ASN E 50 -6.64 -0.81 13.33
C ASN E 50 -7.28 0.48 13.89
N GLU E 51 -7.10 0.73 15.18
CA GLU E 51 -7.83 1.77 15.91
C GLU E 51 -7.26 3.14 15.54
N ALA E 52 -5.99 3.18 15.09
CA ALA E 52 -5.17 4.42 14.93
C ALA E 52 -5.36 5.05 13.54
N GLN E 53 -5.72 6.33 13.53
CA GLN E 53 -5.89 7.18 12.33
C GLN E 53 -4.54 7.81 11.96
N LEU E 54 -3.81 7.20 11.06
CA LEU E 54 -2.38 7.50 10.89
C LEU E 54 -2.17 8.51 9.78
N GLU E 55 -3.17 8.76 8.92
CA GLU E 55 -3.05 9.79 7.86
C GLU E 55 -4.40 10.47 7.62
N LYS E 56 -4.35 11.80 7.45
CA LYS E 56 -5.49 12.68 7.05
C LYS E 56 -4.97 13.53 5.92
N SER E 57 -5.82 14.37 5.33
CA SER E 57 -5.38 15.27 4.23
C SER E 57 -5.66 16.71 4.60
N ARG E 58 -4.90 17.63 3.98
CA ARG E 58 -5.22 19.07 3.81
C ARG E 58 -6.70 19.24 3.46
N LEU E 59 -7.18 18.48 2.48
CA LEU E 59 -8.61 18.40 2.07
C LEU E 59 -9.48 18.41 3.34
N LEU E 60 -9.26 17.42 4.20
CA LEU E 60 -10.10 17.19 5.40
C LEU E 60 -10.12 18.49 6.22
N SER E 61 -11.32 19.04 6.43
CA SER E 61 -11.56 20.29 7.19
C SER E 61 -11.74 19.95 8.66
N ASP E 62 -11.71 20.97 9.53
CA ASP E 62 -12.15 20.88 10.94
C ASP E 62 -13.47 20.11 10.99
N ARG E 63 -14.40 20.43 10.07
CA ARG E 63 -15.78 19.87 10.00
C ARG E 63 -15.75 18.33 9.91
N PHE E 64 -14.83 17.79 9.12
CA PHE E 64 -14.67 16.33 8.88
C PHE E 64 -14.04 15.64 10.10
N SER E 65 -14.60 14.51 10.52
CA SER E 65 -14.06 13.65 11.57
C SER E 65 -14.38 12.20 11.23
N ALA E 66 -13.45 11.29 11.46
CA ALA E 66 -13.70 9.84 11.34
C ALA E 66 -13.18 9.13 12.56
N GLU E 67 -13.74 7.96 12.83
CA GLU E 67 -13.44 7.17 14.04
C GLU E 67 -13.54 5.69 13.65
N ARG E 68 -12.60 4.84 14.11
CA ARG E 68 -12.72 3.37 14.03
C ARG E 68 -12.53 2.81 15.44
N PRO E 69 -13.50 3.00 16.34
CA PRO E 69 -13.38 2.45 17.69
C PRO E 69 -13.34 0.93 17.48
N LYS E 70 -12.81 0.15 18.43
CA LYS E 70 -12.82 -1.35 18.40
C LYS E 70 -12.00 -1.92 17.20
N GLY E 71 -11.39 -1.10 16.35
CA GLY E 71 -10.57 -1.61 15.22
C GLY E 71 -11.37 -2.27 14.07
N SER E 72 -12.70 -2.09 13.99
CA SER E 72 -13.62 -2.82 13.05
C SER E 72 -14.33 -1.87 12.06
N PHE E 73 -15.63 -1.62 12.30
CA PHE E 73 -16.41 -0.57 11.61
C PHE E 73 -15.79 0.80 11.90
N SER E 74 -15.94 1.70 10.95
CA SER E 74 -15.53 3.10 11.03
C SER E 74 -16.76 3.97 10.81
N THR E 75 -16.76 5.19 11.35
CA THR E 75 -17.79 6.21 11.06
C THR E 75 -17.10 7.38 10.40
N LEU E 76 -17.86 8.23 9.72
CA LEU E 76 -17.38 9.50 9.19
C LEU E 76 -18.43 10.56 9.50
N GLU E 77 -18.27 11.35 10.55
CA GLU E 77 -19.17 12.53 10.78
C GLU E 77 -18.70 13.68 9.89
N ILE E 78 -19.63 14.29 9.13
CA ILE E 78 -19.46 15.60 8.44
C ILE E 78 -20.38 16.61 9.09
N GLN E 79 -19.83 17.69 9.63
CA GLN E 79 -20.60 18.71 10.37
C GLN E 79 -20.86 19.91 9.47
N ARG E 80 -21.96 20.62 9.69
CA ARG E 80 -22.28 21.89 8.98
C ARG E 80 -22.04 21.62 7.49
N THR E 81 -22.76 20.61 6.96
CA THR E 81 -22.68 20.11 5.56
C THR E 81 -23.07 21.24 4.63
N GLU E 82 -22.13 21.79 3.87
CA GLU E 82 -22.45 22.73 2.78
C GLU E 82 -22.62 21.94 1.48
N GLN E 83 -23.28 22.54 0.48
CA GLN E 83 -23.62 21.93 -0.82
C GLN E 83 -22.33 21.38 -1.43
N GLY E 84 -21.23 22.10 -1.25
CA GLY E 84 -19.91 21.71 -1.77
C GLY E 84 -19.56 20.25 -1.47
N ASP E 85 -20.09 19.67 -0.39
CA ASP E 85 -19.72 18.31 0.12
C ASP E 85 -20.58 17.22 -0.50
N SER E 86 -21.56 17.60 -1.35
CA SER E 86 -22.35 16.68 -2.20
C SER E 86 -21.37 15.89 -3.05
N ALA E 87 -21.32 14.57 -2.87
CA ALA E 87 -20.23 13.69 -3.32
C ALA E 87 -20.57 12.26 -2.93
N MET E 88 -19.87 11.29 -3.53
CA MET E 88 -19.88 9.84 -3.18
C MET E 88 -18.76 9.59 -2.18
N TYR E 89 -19.10 9.10 -1.00
CA TYR E 89 -18.13 8.87 0.09
C TYR E 89 -17.85 7.39 0.12
N LEU E 90 -16.70 6.99 -0.41
CA LEU E 90 -16.29 5.59 -0.60
C LEU E 90 -15.44 5.13 0.57
N CYS E 91 -15.57 3.85 0.91
CA CYS E 91 -14.79 3.10 1.93
C CYS E 91 -14.01 1.93 1.31
N ALA E 92 -12.71 1.82 1.56
CA ALA E 92 -11.85 0.68 1.12
C ALA E 92 -11.15 0.06 2.33
N SER E 93 -10.87 -1.25 2.28
CA SER E 93 -10.18 -2.05 3.35
C SER E 93 -9.22 -3.06 2.72
N SER E 94 -8.08 -3.36 3.36
CA SER E 94 -7.01 -4.22 2.80
C SER E 94 -6.27 -4.98 3.92
N LEU E 95 -5.94 -6.25 3.67
CA LEU E 95 -5.03 -7.06 4.52
C LEU E 95 -3.62 -6.42 4.50
N HIS E 96 -3.17 -5.90 3.36
CA HIS E 96 -1.80 -5.35 3.15
C HIS E 96 -1.85 -4.25 2.07
N HIS E 97 -1.88 -4.61 0.78
CA HIS E 97 -1.72 -3.66 -0.36
C HIS E 97 -2.99 -3.57 -1.24
N GLU E 98 -3.78 -4.64 -1.31
CA GLU E 98 -4.99 -4.73 -2.18
C GLU E 98 -6.17 -4.11 -1.47
N GLN E 99 -6.66 -2.97 -1.93
CA GLN E 99 -7.89 -2.37 -1.37
C GLN E 99 -9.11 -2.85 -2.14
N TYR E 100 -10.11 -3.27 -1.40
CA TYR E 100 -11.45 -3.55 -1.93
C TYR E 100 -12.35 -2.41 -1.48
N PHE E 101 -13.15 -1.86 -2.37
CA PHE E 101 -14.04 -0.71 -2.11
C PHE E 101 -15.46 -1.15 -1.77
N GLY E 102 -16.16 -0.29 -1.03
CA GLY E 102 -17.59 -0.42 -0.73
C GLY E 102 -18.44 0.11 -1.87
N PRO E 103 -19.77 -0.02 -1.78
CA PRO E 103 -20.69 0.50 -2.78
C PRO E 103 -20.94 2.00 -2.57
N GLY E 104 -20.52 2.54 -1.43
CA GLY E 104 -20.38 3.99 -1.21
C GLY E 104 -21.65 4.60 -0.72
N THR E 105 -21.57 5.77 -0.12
CA THR E 105 -22.75 6.56 0.32
C THR E 105 -22.88 7.83 -0.55
N ARG E 106 -23.81 7.87 -1.50
CA ARG E 106 -24.15 9.06 -2.33
C ARG E 106 -24.91 10.08 -1.45
N LEU E 107 -24.23 11.17 -1.03
CA LEU E 107 -24.76 12.27 -0.18
C LEU E 107 -25.14 13.46 -1.06
N THR E 108 -26.41 13.88 -1.01
CA THR E 108 -26.93 15.16 -1.58
C THR E 108 -27.31 16.13 -0.46
N VAL E 109 -26.61 17.26 -0.40
CA VAL E 109 -26.83 18.39 0.53
C VAL E 109 -27.66 19.45 -0.19
N THR E 110 -28.86 19.71 0.31
CA THR E 110 -29.83 20.68 -0.27
C THR E 110 -30.18 21.72 0.81
N GLU E 111 -30.28 22.99 0.40
CA GLU E 111 -30.58 24.17 1.27
C GLU E 111 -31.86 23.95 2.12
N ASP E 112 -32.86 23.24 1.59
CA ASP E 112 -34.18 22.99 2.24
C ASP E 112 -34.78 21.72 1.64
N LEU E 113 -35.52 20.96 2.45
CA LEU E 113 -36.17 19.68 2.01
C LEU E 113 -37.46 19.95 1.22
N LYS E 114 -37.78 21.19 0.85
CA LYS E 114 -38.91 21.47 -0.07
C LYS E 114 -38.43 21.29 -1.51
N ASN E 115 -37.13 21.06 -1.70
CA ASN E 115 -36.50 20.82 -3.03
C ASN E 115 -36.56 19.32 -3.40
N VAL E 116 -36.91 18.47 -2.44
CA VAL E 116 -37.08 17.00 -2.65
C VAL E 116 -38.47 16.75 -3.26
N PHE E 117 -38.49 16.30 -4.51
CA PHE E 117 -39.68 15.72 -5.18
C PHE E 117 -39.35 14.29 -5.60
N PRO E 118 -40.30 13.33 -5.48
CA PRO E 118 -40.13 11.99 -6.05
C PRO E 118 -40.46 12.03 -7.53
N PRO E 119 -40.10 11.01 -8.32
CA PRO E 119 -40.33 11.06 -9.76
C PRO E 119 -41.79 10.78 -10.15
N GLU E 120 -42.19 11.27 -11.32
CA GLU E 120 -43.39 10.82 -12.07
C GLU E 120 -42.92 9.96 -13.24
N VAL E 121 -43.51 8.78 -13.37
CA VAL E 121 -43.09 7.69 -14.30
C VAL E 121 -44.16 7.53 -15.36
N ALA E 122 -43.77 7.28 -16.60
CA ALA E 122 -44.69 6.99 -17.70
C ALA E 122 -44.01 6.03 -18.68
N VAL E 123 -44.77 5.05 -19.16
CA VAL E 123 -44.37 4.12 -20.23
C VAL E 123 -45.04 4.57 -21.51
N PHE E 124 -44.28 4.67 -22.59
CA PHE E 124 -44.80 5.02 -23.94
C PHE E 124 -44.73 3.75 -24.82
N GLU E 125 -45.83 3.41 -25.50
CA GLU E 125 -45.94 2.12 -26.24
C GLU E 125 -45.46 2.33 -27.66
N PRO E 126 -44.89 1.26 -28.29
CA PRO E 126 -44.15 1.35 -29.55
C PRO E 126 -45.00 1.74 -30.78
N SER E 127 -44.33 2.23 -31.84
CA SER E 127 -44.93 2.79 -33.08
C SER E 127 -45.37 1.63 -33.99
N GLU E 128 -46.54 1.76 -34.62
CA GLU E 128 -46.94 0.93 -35.78
C GLU E 128 -45.74 0.88 -36.74
N ALA E 129 -45.08 2.02 -36.98
CA ALA E 129 -44.01 2.15 -37.98
C ALA E 129 -42.83 1.25 -37.61
N GLU E 130 -42.39 1.23 -36.35
CA GLU E 130 -41.39 0.26 -35.83
C GLU E 130 -41.84 -1.18 -36.15
N ILE E 131 -42.99 -1.57 -35.62
CA ILE E 131 -43.46 -2.99 -35.62
C ILE E 131 -43.37 -3.52 -37.05
N SER E 132 -43.91 -2.78 -38.01
CA SER E 132 -43.94 -3.14 -39.46
C SER E 132 -42.53 -3.12 -40.03
N HIS E 133 -41.81 -2.02 -39.82
CA HIS E 133 -40.52 -1.70 -40.48
C HIS E 133 -39.41 -2.63 -40.00
N THR E 134 -39.54 -3.20 -38.79
CA THR E 134 -38.45 -3.88 -38.07
C THR E 134 -38.90 -5.18 -37.38
N GLN E 135 -40.20 -5.41 -37.20
CA GLN E 135 -40.62 -6.66 -36.52
C GLN E 135 -40.12 -6.61 -35.07
N LYS E 136 -39.79 -5.41 -34.58
CA LYS E 136 -39.38 -5.11 -33.18
C LYS E 136 -40.31 -4.06 -32.56
N ALA E 137 -40.45 -4.08 -31.26
CA ALA E 137 -41.21 -3.07 -30.51
C ALA E 137 -40.34 -2.51 -29.39
N THR E 138 -40.17 -1.18 -29.35
CA THR E 138 -39.45 -0.43 -28.30
C THR E 138 -40.49 0.27 -27.40
N LEU E 139 -40.47 0.00 -26.11
CA LEU E 139 -41.15 0.84 -25.11
C LEU E 139 -40.17 1.88 -24.64
N VAL E 140 -40.66 3.06 -24.25
CA VAL E 140 -39.85 4.06 -23.52
C VAL E 140 -40.48 4.30 -22.16
N CYS E 141 -39.66 4.23 -21.12
CA CYS E 141 -39.98 4.74 -19.78
C CYS E 141 -39.45 6.18 -19.61
N LEU E 142 -40.26 7.03 -19.02
CA LEU E 142 -39.89 8.43 -18.76
C LEU E 142 -40.17 8.77 -17.27
N ALA E 143 -39.11 8.95 -16.49
CA ALA E 143 -39.13 9.44 -15.08
C ALA E 143 -38.74 10.90 -15.07
N THR E 144 -39.54 11.76 -14.45
CA THR E 144 -39.34 13.24 -14.52
C THR E 144 -39.69 13.91 -13.20
N GLY E 145 -39.04 15.04 -12.95
CA GLY E 145 -39.35 15.98 -11.83
C GLY E 145 -38.81 15.48 -10.48
N PHE E 146 -37.71 14.75 -10.45
CA PHE E 146 -37.17 14.24 -9.17
C PHE E 146 -35.85 14.94 -8.85
N TYR E 147 -35.72 15.27 -7.55
CA TYR E 147 -34.53 15.73 -6.82
C TYR E 147 -34.59 15.01 -5.48
N PRO E 148 -33.50 14.37 -5.04
CA PRO E 148 -32.24 14.35 -5.79
C PRO E 148 -32.20 13.23 -6.83
N ASP E 149 -31.03 13.06 -7.46
CA ASP E 149 -30.71 12.04 -8.47
C ASP E 149 -30.34 10.73 -7.77
N HIS E 150 -31.23 10.21 -6.91
CA HIS E 150 -31.04 8.94 -6.16
C HIS E 150 -32.14 7.94 -6.58
N VAL E 151 -32.02 7.38 -7.78
CA VAL E 151 -33.01 6.41 -8.33
C VAL E 151 -32.28 5.16 -8.80
N GLU E 152 -33.04 4.06 -8.93
CA GLU E 152 -32.66 2.80 -9.60
C GLU E 152 -33.87 2.35 -10.42
N LEU E 153 -33.79 2.47 -11.73
CA LEU E 153 -34.88 2.15 -12.69
C LEU E 153 -34.68 0.73 -13.24
N SER E 154 -35.72 -0.09 -13.17
CA SER E 154 -35.73 -1.49 -13.66
C SER E 154 -36.97 -1.76 -14.53
N TRP E 155 -36.83 -2.66 -15.51
CA TRP E 155 -37.95 -3.29 -16.26
C TRP E 155 -38.34 -4.66 -15.69
N TRP E 156 -39.66 -4.90 -15.58
CA TRP E 156 -40.29 -6.18 -15.13
C TRP E 156 -41.30 -6.67 -16.17
N VAL E 157 -41.10 -7.89 -16.65
CA VAL E 157 -41.92 -8.54 -17.71
C VAL E 157 -42.56 -9.81 -17.12
N ASN E 158 -43.88 -9.85 -16.97
CA ASN E 158 -44.61 -10.97 -16.33
C ASN E 158 -43.95 -11.31 -15.01
N GLY E 159 -43.47 -10.26 -14.32
CA GLY E 159 -43.03 -10.30 -12.91
C GLY E 159 -41.55 -10.59 -12.81
N LYS E 160 -40.87 -10.66 -13.94
CA LYS E 160 -39.42 -10.98 -14.03
C LYS E 160 -38.64 -9.70 -14.35
N GLU E 161 -37.58 -9.39 -13.60
CA GLU E 161 -36.66 -8.26 -13.93
C GLU E 161 -35.90 -8.63 -15.20
N VAL E 162 -35.96 -7.81 -16.27
CA VAL E 162 -35.31 -8.12 -17.58
C VAL E 162 -33.87 -7.56 -17.62
N HIS E 163 -32.87 -8.42 -17.80
CA HIS E 163 -31.44 -8.06 -17.79
C HIS E 163 -30.89 -8.13 -19.21
N SER E 164 -31.72 -7.85 -20.22
CA SER E 164 -31.34 -7.84 -21.65
C SER E 164 -32.40 -7.14 -22.44
N GLY E 165 -31.98 -6.59 -23.58
CA GLY E 165 -32.75 -5.68 -24.44
C GLY E 165 -33.24 -4.47 -23.67
N VAL E 166 -32.34 -3.79 -22.98
CA VAL E 166 -32.62 -2.58 -22.15
C VAL E 166 -31.38 -1.73 -22.20
N CYS E 167 -31.53 -0.41 -22.35
CA CYS E 167 -30.54 0.57 -21.88
C CYS E 167 -31.29 1.73 -21.23
N THR E 168 -31.07 1.88 -19.93
CA THR E 168 -31.35 3.08 -19.11
C THR E 168 -30.30 4.12 -19.42
N ASP E 169 -30.66 5.39 -19.34
CA ASP E 169 -29.69 6.49 -19.59
C ASP E 169 -28.54 6.30 -18.63
N PRO E 170 -27.29 6.47 -19.13
CA PRO E 170 -26.11 6.26 -18.30
C PRO E 170 -26.14 7.22 -17.10
N GLN E 171 -26.68 8.42 -17.30
CA GLN E 171 -26.87 9.42 -16.22
C GLN E 171 -27.94 10.42 -16.58
N PRO E 172 -28.65 10.98 -15.59
CA PRO E 172 -29.83 11.85 -15.81
C PRO E 172 -29.70 13.23 -16.48
N LEU E 173 -30.85 13.91 -16.62
CA LEU E 173 -30.99 15.20 -17.34
C LEU E 173 -31.57 16.22 -16.38
N LYS E 174 -30.91 17.36 -16.25
CA LYS E 174 -31.35 18.41 -15.33
C LYS E 174 -32.34 19.26 -16.10
N GLU E 175 -33.48 19.55 -15.51
CA GLU E 175 -34.54 20.37 -16.14
C GLU E 175 -33.98 21.77 -16.36
N GLN E 176 -33.26 22.35 -15.40
CA GLN E 176 -32.45 23.57 -15.63
C GLN E 176 -30.98 23.23 -15.42
N PRO E 177 -30.26 22.80 -16.46
CA PRO E 177 -28.89 22.27 -16.31
C PRO E 177 -27.84 23.25 -15.76
N ALA E 178 -27.93 24.54 -16.08
CA ALA E 178 -27.04 25.62 -15.61
C ALA E 178 -27.04 25.74 -14.07
N LEU E 179 -28.21 25.69 -13.43
CA LEU E 179 -28.32 25.77 -11.96
C LEU E 179 -27.91 24.40 -11.37
N ASN E 180 -27.21 24.41 -10.22
CA ASN E 180 -26.81 23.19 -9.45
C ASN E 180 -28.03 22.56 -8.75
N ASP E 181 -28.86 23.37 -8.10
CA ASP E 181 -30.16 22.92 -7.59
C ASP E 181 -31.18 23.05 -8.73
N SER E 182 -31.65 21.91 -9.24
CA SER E 182 -32.58 21.71 -10.37
C SER E 182 -33.03 20.26 -10.34
N ARG E 183 -34.28 20.00 -10.71
CA ARG E 183 -34.88 18.65 -10.72
C ARG E 183 -34.32 17.91 -11.92
N TYR E 184 -34.56 16.59 -12.00
CA TYR E 184 -33.92 15.69 -12.99
C TYR E 184 -34.97 14.91 -13.78
N ALA E 185 -34.61 14.47 -14.98
CA ALA E 185 -35.39 13.52 -15.81
C ALA E 185 -34.50 12.33 -16.20
N LEU E 186 -35.11 11.21 -16.59
CA LEU E 186 -34.35 9.97 -16.97
C LEU E 186 -35.23 9.01 -17.77
N SER E 187 -34.74 8.57 -18.93
CA SER E 187 -35.41 7.58 -19.81
C SER E 187 -34.75 6.21 -19.66
N SER E 188 -35.55 5.14 -19.75
CA SER E 188 -35.07 3.78 -20.11
C SER E 188 -35.84 3.25 -21.33
N ARG E 189 -35.20 2.37 -22.10
CA ARG E 189 -35.82 1.68 -23.26
C ARG E 189 -35.68 0.18 -23.08
N LEU E 190 -36.76 -0.51 -23.45
CA LEU E 190 -36.88 -1.97 -23.57
C LEU E 190 -37.31 -2.33 -25.01
N ARG E 191 -36.48 -3.04 -25.77
CA ARG E 191 -36.84 -3.54 -27.14
C ARG E 191 -37.14 -5.06 -27.12
N VAL E 192 -38.20 -5.46 -27.80
CA VAL E 192 -38.70 -6.86 -27.84
C VAL E 192 -39.09 -7.19 -29.28
N SER E 193 -39.24 -8.49 -29.57
CA SER E 193 -39.99 -9.01 -30.74
C SER E 193 -41.39 -8.36 -30.79
N ALA E 194 -41.82 -7.92 -31.95
CA ALA E 194 -43.19 -7.41 -32.15
C ALA E 194 -44.22 -8.50 -31.84
N THR E 195 -43.83 -9.77 -31.83
CA THR E 195 -44.74 -10.88 -31.44
C THR E 195 -44.90 -10.94 -29.91
N PHE E 196 -43.86 -10.58 -29.15
CA PHE E 196 -43.92 -10.48 -27.67
C PHE E 196 -44.90 -9.38 -27.30
N TRP E 197 -44.81 -8.29 -28.06
CA TRP E 197 -45.57 -7.05 -27.78
C TRP E 197 -47.06 -7.29 -28.05
N GLN E 198 -47.41 -8.14 -29.01
CA GLN E 198 -48.80 -8.32 -29.52
C GLN E 198 -49.60 -9.28 -28.64
N ASP E 199 -48.92 -10.30 -28.08
CA ASP E 199 -49.43 -11.22 -27.03
C ASP E 199 -50.05 -10.38 -25.90
N PRO E 200 -51.37 -10.45 -25.64
CA PRO E 200 -51.98 -9.58 -24.64
C PRO E 200 -51.96 -10.15 -23.22
N ARG E 201 -51.29 -11.28 -23.00
CA ARG E 201 -51.17 -11.93 -21.67
C ARG E 201 -49.85 -11.49 -21.05
N ASN E 202 -49.15 -10.57 -21.73
CA ASN E 202 -47.76 -10.14 -21.41
C ASN E 202 -47.83 -8.76 -20.75
N HIS E 203 -47.40 -8.69 -19.49
CA HIS E 203 -47.33 -7.46 -18.65
C HIS E 203 -45.97 -6.76 -18.82
N PHE E 204 -45.94 -5.43 -18.98
CA PHE E 204 -44.68 -4.61 -18.99
C PHE E 204 -44.75 -3.50 -17.90
N ARG E 205 -43.91 -3.62 -16.86
CA ARG E 205 -43.82 -2.64 -15.76
C ARG E 205 -42.44 -1.99 -15.79
N CYS E 206 -42.43 -0.69 -15.93
CA CYS E 206 -41.27 0.19 -15.68
C CYS E 206 -41.27 0.61 -14.21
N GLN E 207 -40.14 0.55 -13.53
CA GLN E 207 -40.10 0.76 -12.06
C GLN E 207 -38.92 1.64 -11.64
N VAL E 208 -39.24 2.77 -11.05
CA VAL E 208 -38.25 3.75 -10.54
C VAL E 208 -38.26 3.71 -9.01
N GLN E 209 -37.17 3.28 -8.41
CA GLN E 209 -36.97 3.27 -6.94
C GLN E 209 -36.34 4.62 -6.57
N PHE E 210 -37.06 5.45 -5.84
CA PHE E 210 -36.58 6.77 -5.41
C PHE E 210 -36.06 6.61 -3.99
N TYR E 211 -34.92 7.19 -3.70
CA TYR E 211 -34.34 7.22 -2.34
C TYR E 211 -34.48 8.65 -1.78
N GLY E 212 -35.52 8.83 -0.96
CA GLY E 212 -35.95 10.13 -0.43
C GLY E 212 -35.67 10.28 1.06
N LEU E 213 -36.61 10.89 1.77
CA LEU E 213 -36.49 11.30 3.18
C LEU E 213 -36.81 10.13 4.13
N SER E 214 -36.58 10.34 5.42
CA SER E 214 -36.71 9.34 6.51
C SER E 214 -37.90 9.68 7.40
N GLU E 215 -38.24 8.76 8.30
CA GLU E 215 -39.12 8.95 9.49
C GLU E 215 -38.55 10.10 10.34
N ASN E 216 -37.23 10.08 10.55
CA ASN E 216 -36.54 11.06 11.42
C ASN E 216 -36.43 12.39 10.68
N ASP E 217 -36.63 12.42 9.35
CA ASP E 217 -36.71 13.68 8.57
C ASP E 217 -38.10 14.30 8.83
N GLU E 218 -38.17 15.62 9.01
CA GLU E 218 -39.37 16.37 9.49
C GLU E 218 -40.02 17.11 8.32
N TRP E 219 -41.33 16.94 8.14
CA TRP E 219 -42.10 17.47 6.97
C TRP E 219 -43.36 18.18 7.47
N THR E 220 -43.49 19.47 7.19
CA THR E 220 -44.70 20.26 7.49
C THR E 220 -45.03 21.14 6.28
N GLN E 221 -45.42 20.50 5.20
CA GLN E 221 -45.90 21.14 3.96
C GLN E 221 -47.11 20.36 3.45
N ASP E 222 -47.94 20.98 2.62
CA ASP E 222 -49.26 20.45 2.24
C ASP E 222 -49.09 19.46 1.09
N ARG E 223 -48.21 18.51 1.25
CA ARG E 223 -47.78 17.62 0.16
C ARG E 223 -47.43 16.31 0.84
N ALA E 224 -47.61 15.20 0.15
CA ALA E 224 -47.19 13.87 0.65
C ALA E 224 -45.69 13.94 0.94
N LYS E 225 -45.27 13.38 2.08
CA LYS E 225 -43.85 13.36 2.48
C LYS E 225 -43.11 12.59 1.38
N PRO E 226 -42.05 13.17 0.76
CA PRO E 226 -41.29 12.50 -0.29
C PRO E 226 -40.37 11.42 0.28
N VAL E 227 -40.95 10.37 0.84
CA VAL E 227 -40.21 9.23 1.44
C VAL E 227 -39.62 8.36 0.34
N THR E 228 -38.71 7.46 0.73
CA THR E 228 -38.15 6.38 -0.12
C THR E 228 -39.31 5.53 -0.59
N GLN E 229 -39.47 5.38 -1.90
CA GLN E 229 -40.66 4.74 -2.50
C GLN E 229 -40.36 4.26 -3.91
N ILE E 230 -41.06 3.20 -4.36
CA ILE E 230 -41.12 2.78 -5.78
C ILE E 230 -42.34 3.42 -6.46
N VAL E 231 -42.09 4.06 -7.60
CA VAL E 231 -43.09 4.65 -8.54
C VAL E 231 -42.86 3.91 -9.84
N SER E 232 -43.95 3.43 -10.50
CA SER E 232 -43.93 2.57 -11.72
C SER E 232 -45.05 2.93 -12.71
N ALA E 233 -44.85 2.59 -13.98
CA ALA E 233 -45.90 2.63 -15.02
C ALA E 233 -46.03 1.24 -15.68
N GLU E 234 -47.19 0.93 -16.23
CA GLU E 234 -47.47 -0.41 -16.77
C GLU E 234 -48.02 -0.23 -18.17
N ALA E 235 -47.68 -1.15 -19.06
CA ALA E 235 -48.40 -1.38 -20.35
C ALA E 235 -48.63 -2.89 -20.56
N TRP E 236 -49.80 -3.22 -21.11
CA TRP E 236 -50.19 -4.59 -21.52
C TRP E 236 -49.96 -4.73 -23.04
N GLY E 237 -49.49 -5.89 -23.47
CA GLY E 237 -49.41 -6.27 -24.89
C GLY E 237 -50.74 -6.07 -25.61
N ARG E 238 -50.68 -5.62 -26.85
CA ARG E 238 -51.85 -5.20 -27.65
C ARG E 238 -51.75 -5.88 -29.03
N ALA E 239 -52.80 -6.64 -29.40
CA ALA E 239 -53.03 -7.24 -30.74
C ALA E 239 -52.90 -6.18 -31.85
N ASP E 240 -53.31 -4.91 -31.60
CA ASP E 240 -52.99 -3.73 -32.46
C ASP E 240 -51.47 -3.44 -32.42
O1 MES F . 28.19 11.17 10.63
C2 MES F . 28.62 10.14 11.51
C3 MES F . 28.69 10.62 12.94
N4 MES F . 29.63 11.78 13.04
C5 MES F . 29.17 12.84 12.10
C6 MES F . 29.08 12.27 10.70
C7 MES F . 29.78 12.28 14.46
C8 MES F . 31.21 12.17 15.00
S MES F . 31.33 12.55 16.76
O1S MES F . 30.03 12.99 17.18
O2S MES F . 31.72 11.31 17.40
O3S MES F . 32.34 13.57 16.89
C1 EDO G . 7.42 -0.58 -1.81
O1 EDO G . 8.04 -0.88 -0.57
C2 EDO G . 6.37 0.54 -1.75
O2 EDO G . 5.25 0.48 -2.69
S SO4 H . -47.33 3.72 -8.88
O1 SO4 H . -48.04 3.83 -10.12
O2 SO4 H . -48.04 2.84 -7.98
O3 SO4 H . -47.21 5.03 -8.28
O4 SO4 H . -46.01 3.19 -9.11
S SO4 I . -8.91 13.01 -9.95
O1 SO4 I . -9.25 13.84 -8.80
O2 SO4 I . -9.91 13.20 -10.97
O3 SO4 I . -7.61 13.38 -10.44
O4 SO4 I . -8.90 11.63 -9.55
#